data_5LCN
#
_entry.id   5LCN
#
_cell.length_a   96.495
_cell.length_b   99.440
_cell.length_c   146.049
_cell.angle_alpha   90.00
_cell.angle_beta   90.00
_cell.angle_gamma   90.00
#
_symmetry.space_group_name_H-M   'P 21 21 21'
#
loop_
_entity.id
_entity.type
_entity.pdbx_description
1 polymer 'Uncharacterized protein'
2 non-polymer 'PENTAETHYLENE GLYCOL'
3 water water
#
_entity_poly.entity_id   1
_entity_poly.type   'polypeptide(L)'
_entity_poly.pdbx_seq_one_letter_code
;MHHHHHHGYKMVNPPRVVGNWTPKDLSFEYKDVEITTEDNVKLSGWWIDNGSDKTVIPLHGYTSSRWAEHYMRPVIEFLL
KEGYNVLAFDFRAHGKSGGKYTTVGDKEILDLKAGVKWLKDNYPEKSKRIGVIGFSMGALVAIRGLSEVKEICCGVADSP
PIYLDKTGARGMKYFAKLPEWLYSFVKPFSELFSGGRPINVLNYTNSIKKPLFLIIGRRDTLVKVEEVQEFYERNKHVNP
NVELWVTDAPHVRTIQVFPEEWKSRVGEFLKRWMG
;
_entity_poly.pdbx_strand_id   A,B,C,D
#
# COMPACT_ATOMS: atom_id res chain seq x y z
N GLY A 8 29.35 3.55 -15.32
CA GLY A 8 28.03 2.94 -15.30
C GLY A 8 28.07 1.46 -14.99
N TYR A 9 27.11 0.72 -15.51
CA TYR A 9 27.03 -0.72 -15.28
C TYR A 9 26.79 -1.46 -16.58
N LYS A 10 27.63 -2.45 -16.87
CA LYS A 10 27.52 -3.21 -18.11
C LYS A 10 26.45 -4.29 -17.99
N MET A 11 26.62 -5.18 -17.01
CA MET A 11 25.71 -6.30 -16.81
C MET A 11 25.30 -6.41 -15.35
N VAL A 12 23.99 -6.51 -15.09
CA VAL A 12 23.51 -6.67 -13.73
C VAL A 12 22.51 -7.82 -13.63
N ASN A 13 22.24 -8.24 -12.40
CA ASN A 13 21.26 -9.28 -12.13
C ASN A 13 20.71 -9.13 -10.73
N PRO A 14 19.38 -9.01 -10.60
CA PRO A 14 18.75 -8.91 -9.27
C PRO A 14 18.95 -10.18 -8.47
N PRO A 15 18.85 -10.11 -7.13
CA PRO A 15 19.01 -11.29 -6.28
C PRO A 15 18.13 -12.46 -6.73
N ARG A 16 18.78 -13.58 -7.03
CA ARG A 16 18.08 -14.78 -7.49
C ARG A 16 17.27 -15.40 -6.37
N VAL A 17 15.95 -15.48 -6.56
CA VAL A 17 15.08 -15.99 -5.51
C VAL A 17 14.29 -17.23 -5.93
N VAL A 18 14.06 -18.11 -4.97
CA VAL A 18 13.25 -19.30 -5.17
C VAL A 18 12.32 -19.48 -3.98
N GLY A 19 11.02 -19.62 -4.25
CA GLY A 19 10.04 -19.82 -3.20
C GLY A 19 9.93 -21.29 -2.81
N ASN A 20 9.06 -21.58 -1.85
CA ASN A 20 8.86 -22.97 -1.42
C ASN A 20 7.38 -23.36 -1.38
N TRP A 21 6.71 -23.16 -2.51
CA TRP A 21 5.35 -23.64 -2.69
C TRP A 21 5.20 -24.21 -4.10
N THR A 22 4.37 -25.23 -4.23
CA THR A 22 4.15 -25.86 -5.53
C THR A 22 2.65 -25.85 -5.85
N PRO A 23 2.28 -26.12 -7.11
CA PRO A 23 0.86 -26.27 -7.45
C PRO A 23 0.13 -27.30 -6.59
N LYS A 24 0.88 -28.25 -6.02
CA LYS A 24 0.32 -29.26 -5.12
C LYS A 24 -0.33 -28.60 -3.90
N ASP A 25 0.26 -27.50 -3.44
CA ASP A 25 -0.28 -26.75 -2.32
C ASP A 25 -1.62 -26.13 -2.68
N LEU A 26 -1.87 -25.97 -3.98
CA LEU A 26 -3.13 -25.45 -4.48
C LEU A 26 -4.07 -26.58 -4.87
N SER A 27 -3.70 -27.81 -4.48
CA SER A 27 -4.45 -29.02 -4.80
C SER A 27 -4.54 -29.26 -6.30
N PHE A 28 -3.44 -29.03 -7.01
CA PHE A 28 -3.36 -29.32 -8.44
C PHE A 28 -2.07 -30.07 -8.75
N GLU A 29 -2.16 -31.08 -9.62
CA GLU A 29 -0.98 -31.82 -10.02
C GLU A 29 -0.23 -31.06 -11.11
N TYR A 30 1.08 -31.25 -11.17
CA TYR A 30 1.92 -30.51 -12.10
C TYR A 30 3.14 -31.31 -12.53
N LYS A 31 3.83 -30.82 -13.55
CA LYS A 31 5.08 -31.42 -13.99
C LYS A 31 6.20 -30.39 -14.02
N ASP A 32 7.35 -30.76 -13.47
CA ASP A 32 8.54 -29.92 -13.58
C ASP A 32 9.15 -30.10 -14.97
N VAL A 33 9.06 -29.07 -15.79
CA VAL A 33 9.54 -29.15 -17.16
C VAL A 33 10.77 -28.29 -17.41
N GLU A 34 11.37 -28.47 -18.57
CA GLU A 34 12.60 -27.76 -18.92
C GLU A 34 12.51 -27.27 -20.36
N ILE A 35 12.37 -25.95 -20.52
CA ILE A 35 12.20 -25.35 -21.84
C ILE A 35 13.52 -24.73 -22.31
N THR A 36 13.87 -25.00 -23.57
CA THR A 36 15.11 -24.48 -24.14
C THR A 36 14.83 -23.40 -25.19
N THR A 37 15.42 -22.24 -25.00
CA THR A 37 15.22 -21.12 -25.93
C THR A 37 16.03 -21.29 -27.21
N GLU A 38 15.78 -20.43 -28.19
CA GLU A 38 16.44 -20.53 -29.48
C GLU A 38 17.92 -20.14 -29.39
N ASP A 39 18.28 -19.41 -28.34
CA ASP A 39 19.68 -19.08 -28.11
C ASP A 39 20.26 -19.99 -27.03
N ASN A 40 19.68 -21.18 -26.92
CA ASN A 40 20.19 -22.28 -26.10
C ASN A 40 20.25 -21.99 -24.60
N VAL A 41 19.22 -21.33 -24.09
CA VAL A 41 19.12 -21.12 -22.64
C VAL A 41 18.08 -22.07 -22.05
N LYS A 42 18.46 -22.74 -20.96
CA LYS A 42 17.59 -23.72 -20.32
C LYS A 42 16.69 -23.09 -19.26
N LEU A 43 15.40 -22.98 -19.56
CA LEU A 43 14.45 -22.42 -18.61
C LEU A 43 13.84 -23.49 -17.72
N SER A 44 13.52 -23.12 -16.48
CA SER A 44 12.84 -24.01 -15.56
C SER A 44 11.42 -23.52 -15.31
N GLY A 45 10.47 -24.44 -15.22
CA GLY A 45 9.09 -24.07 -15.03
C GLY A 45 8.14 -25.18 -14.62
N TRP A 46 6.86 -24.84 -14.52
CA TRP A 46 5.81 -25.78 -14.18
C TRP A 46 4.84 -25.96 -15.35
N TRP A 47 4.55 -27.21 -15.68
CA TRP A 47 3.46 -27.49 -16.61
C TRP A 47 2.29 -28.07 -15.82
N ILE A 48 1.22 -27.30 -15.70
CA ILE A 48 0.06 -27.69 -14.90
C ILE A 48 -1.11 -28.09 -15.79
N ASP A 49 -1.21 -29.37 -16.09
CA ASP A 49 -2.29 -29.88 -16.94
C ASP A 49 -3.62 -29.86 -16.18
N ASN A 50 -4.56 -29.07 -16.67
CA ASN A 50 -5.85 -28.92 -16.00
C ASN A 50 -6.98 -29.49 -16.85
N GLY A 51 -6.61 -30.31 -17.83
CA GLY A 51 -7.59 -30.94 -18.70
C GLY A 51 -8.34 -29.95 -19.56
N SER A 52 -7.63 -28.97 -20.11
CA SER A 52 -8.26 -27.92 -20.89
C SER A 52 -7.59 -27.76 -22.25
N ASP A 53 -8.29 -27.11 -23.17
CA ASP A 53 -7.73 -26.82 -24.49
C ASP A 53 -7.12 -25.41 -24.49
N LYS A 54 -7.29 -24.71 -23.38
CA LYS A 54 -6.81 -23.34 -23.25
C LYS A 54 -5.69 -23.25 -22.22
N THR A 55 -4.62 -22.54 -22.57
CA THR A 55 -3.48 -22.37 -21.67
C THR A 55 -3.15 -20.90 -21.47
N VAL A 56 -3.02 -20.50 -20.21
CA VAL A 56 -2.62 -19.14 -19.88
C VAL A 56 -1.22 -19.13 -19.26
N ILE A 57 -0.38 -18.22 -19.72
CA ILE A 57 0.99 -18.13 -19.24
C ILE A 57 1.22 -16.86 -18.41
N PRO A 58 1.40 -17.02 -17.10
CA PRO A 58 1.71 -15.89 -16.22
C PRO A 58 3.20 -15.51 -16.30
N LEU A 59 3.47 -14.22 -16.36
CA LEU A 59 4.85 -13.73 -16.44
C LEU A 59 5.16 -12.83 -15.25
N HIS A 60 6.25 -13.15 -14.54
CA HIS A 60 6.59 -12.43 -13.31
C HIS A 60 7.41 -11.18 -13.56
N GLY A 61 7.68 -10.45 -12.48
CA GLY A 61 8.38 -9.18 -12.57
C GLY A 61 9.90 -9.29 -12.57
N TYR A 62 10.56 -8.14 -12.57
CA TYR A 62 12.01 -8.06 -12.69
C TYR A 62 12.76 -8.76 -11.56
N THR A 63 12.28 -8.60 -10.34
CA THR A 63 13.04 -9.05 -9.16
C THR A 63 12.53 -10.36 -8.56
N SER A 64 11.51 -10.95 -9.15
CA SER A 64 10.89 -12.14 -8.57
C SER A 64 11.10 -13.39 -9.42
N SER A 65 10.12 -14.30 -9.35
CA SER A 65 10.17 -15.56 -10.08
C SER A 65 8.75 -16.11 -10.24
N ARG A 66 8.65 -17.38 -10.63
CA ARG A 66 7.35 -18.02 -10.78
C ARG A 66 6.66 -18.17 -9.43
N TRP A 67 7.45 -18.10 -8.36
CA TRP A 67 6.93 -18.28 -7.00
C TRP A 67 6.41 -16.99 -6.38
N ALA A 68 6.54 -15.88 -7.11
CA ALA A 68 6.24 -14.53 -6.58
C ALA A 68 4.95 -14.49 -5.77
N GLU A 69 5.12 -14.52 -4.45
CA GLU A 69 4.03 -14.68 -3.49
C GLU A 69 2.94 -13.61 -3.61
N HIS A 70 3.30 -12.46 -4.17
CA HIS A 70 2.41 -11.31 -4.17
C HIS A 70 1.47 -11.23 -5.38
N TYR A 71 1.77 -11.99 -6.44
CA TYR A 71 0.87 -11.98 -7.60
C TYR A 71 0.90 -13.27 -8.42
N MET A 72 2.03 -13.96 -8.46
CA MET A 72 2.12 -15.20 -9.23
C MET A 72 1.31 -16.32 -8.59
N ARG A 73 1.48 -16.50 -7.28
CA ARG A 73 0.71 -17.52 -6.56
C ARG A 73 -0.81 -17.26 -6.59
N PRO A 74 -1.25 -16.00 -6.39
CA PRO A 74 -2.69 -15.77 -6.52
C PRO A 74 -3.23 -15.97 -7.94
N VAL A 75 -2.48 -15.58 -8.97
CA VAL A 75 -2.98 -15.64 -10.33
C VAL A 75 -3.01 -17.09 -10.84
N ILE A 76 -2.05 -17.90 -10.39
CA ILE A 76 -1.99 -19.29 -10.81
C ILE A 76 -3.16 -20.07 -10.21
N GLU A 77 -3.40 -19.85 -8.92
CA GLU A 77 -4.54 -20.46 -8.24
C GLU A 77 -5.85 -20.02 -8.87
N PHE A 78 -5.89 -18.76 -9.31
CA PHE A 78 -7.07 -18.22 -9.97
C PHE A 78 -7.32 -18.86 -11.32
N LEU A 79 -6.25 -19.01 -12.11
CA LEU A 79 -6.35 -19.58 -13.44
C LEU A 79 -6.74 -21.05 -13.42
N LEU A 80 -6.22 -21.78 -12.44
CA LEU A 80 -6.49 -23.22 -12.32
C LEU A 80 -7.93 -23.48 -11.91
N LYS A 81 -8.47 -22.63 -11.05
CA LYS A 81 -9.84 -22.81 -10.56
C LYS A 81 -10.87 -22.35 -11.60
N GLU A 82 -10.42 -21.57 -12.58
CA GLU A 82 -11.26 -21.18 -13.69
C GLU A 82 -11.27 -22.28 -14.76
N GLY A 83 -10.30 -23.19 -14.66
CA GLY A 83 -10.25 -24.33 -15.55
C GLY A 83 -9.19 -24.23 -16.65
N TYR A 84 -8.26 -23.31 -16.49
CA TYR A 84 -7.21 -23.11 -17.48
C TYR A 84 -5.97 -23.96 -17.21
N ASN A 85 -5.33 -24.43 -18.26
CA ASN A 85 -3.99 -24.99 -18.15
C ASN A 85 -3.01 -23.86 -17.86
N VAL A 86 -1.97 -24.15 -17.09
CA VAL A 86 -0.99 -23.12 -16.76
C VAL A 86 0.45 -23.57 -17.00
N LEU A 87 1.17 -22.78 -17.78
CA LEU A 87 2.61 -22.93 -17.91
C LEU A 87 3.29 -21.74 -17.25
N ALA A 88 3.98 -21.99 -16.14
CA ALA A 88 4.66 -20.93 -15.41
C ALA A 88 6.15 -21.23 -15.28
N PHE A 89 6.97 -20.37 -15.87
CA PHE A 89 8.41 -20.57 -15.86
C PHE A 89 9.15 -19.36 -15.30
N ASP A 90 10.34 -19.60 -14.77
CA ASP A 90 11.21 -18.52 -14.36
C ASP A 90 11.87 -17.92 -15.60
N PHE A 91 11.88 -16.59 -15.69
CA PHE A 91 12.61 -15.92 -16.75
C PHE A 91 14.09 -16.23 -16.64
N ARG A 92 14.84 -16.01 -17.70
CA ARG A 92 16.27 -16.28 -17.69
C ARG A 92 16.95 -15.44 -16.60
N ALA A 93 17.95 -16.04 -15.95
CA ALA A 93 18.66 -15.45 -14.82
C ALA A 93 17.75 -15.19 -13.61
N HIS A 94 16.56 -15.77 -13.64
CA HIS A 94 15.65 -15.71 -12.50
C HIS A 94 15.36 -17.12 -11.98
N GLY A 95 15.12 -17.22 -10.67
CA GLY A 95 14.74 -18.48 -10.05
C GLY A 95 15.69 -19.63 -10.32
N LYS A 96 15.18 -20.67 -10.97
CA LYS A 96 15.97 -21.86 -11.28
C LYS A 96 16.38 -21.93 -12.74
N SER A 97 15.94 -20.95 -13.53
CA SER A 97 16.21 -20.96 -14.97
C SER A 97 17.68 -20.69 -15.29
N GLY A 98 18.06 -20.93 -16.53
CA GLY A 98 19.41 -20.68 -16.99
C GLY A 98 19.63 -19.20 -17.27
N GLY A 99 20.87 -18.83 -17.55
CA GLY A 99 21.19 -17.43 -17.80
C GLY A 99 21.87 -16.81 -16.60
N LYS A 100 22.83 -15.92 -16.86
CA LYS A 100 23.63 -15.34 -15.80
C LYS A 100 23.18 -13.92 -15.46
N TYR A 101 22.82 -13.14 -16.47
CA TYR A 101 22.47 -11.74 -16.26
C TYR A 101 21.11 -11.37 -16.84
N THR A 102 20.34 -10.61 -16.07
CA THR A 102 19.07 -10.07 -16.54
C THR A 102 19.27 -8.74 -17.24
N THR A 103 19.96 -7.83 -16.55
CA THR A 103 20.23 -6.48 -17.05
C THR A 103 18.94 -5.76 -17.42
N VAL A 104 18.65 -5.69 -18.72
CA VAL A 104 17.45 -5.02 -19.20
C VAL A 104 16.26 -5.99 -19.25
N GLY A 105 16.54 -7.21 -19.68
CA GLY A 105 15.51 -8.22 -19.82
C GLY A 105 14.88 -8.19 -21.19
N ASP A 106 15.60 -7.62 -22.15
CA ASP A 106 15.12 -7.50 -23.52
C ASP A 106 15.06 -8.85 -24.22
N LYS A 107 15.78 -9.83 -23.67
CA LYS A 107 15.83 -11.16 -24.27
C LYS A 107 14.80 -12.09 -23.63
N GLU A 108 13.95 -11.55 -22.78
CA GLU A 108 12.92 -12.35 -22.12
C GLU A 108 11.78 -12.70 -23.09
N ILE A 109 11.74 -12.00 -24.22
CA ILE A 109 10.76 -12.30 -25.26
C ILE A 109 11.07 -13.67 -25.87
N LEU A 110 12.35 -14.04 -25.86
CA LEU A 110 12.77 -15.34 -26.35
C LEU A 110 12.31 -16.44 -25.42
N ASP A 111 12.23 -16.13 -24.13
CA ASP A 111 11.72 -17.06 -23.13
C ASP A 111 10.25 -17.35 -23.39
N LEU A 112 9.51 -16.31 -23.77
CA LEU A 112 8.08 -16.43 -24.05
C LEU A 112 7.84 -17.21 -25.34
N LYS A 113 8.68 -16.98 -26.34
CA LYS A 113 8.60 -17.72 -27.60
C LYS A 113 8.85 -19.20 -27.37
N ALA A 114 9.90 -19.51 -26.61
CA ALA A 114 10.26 -20.89 -26.31
C ALA A 114 9.16 -21.60 -25.55
N GLY A 115 8.55 -20.89 -24.61
CA GLY A 115 7.47 -21.44 -23.81
C GLY A 115 6.24 -21.75 -24.65
N VAL A 116 5.90 -20.84 -25.56
CA VAL A 116 4.77 -21.04 -26.46
C VAL A 116 5.06 -22.18 -27.44
N LYS A 117 6.25 -22.16 -28.02
CA LYS A 117 6.67 -23.21 -28.95
C LYS A 117 6.67 -24.57 -28.28
N TRP A 118 7.08 -24.60 -27.01
CA TRP A 118 7.09 -25.83 -26.23
C TRP A 118 5.69 -26.38 -26.08
N LEU A 119 4.73 -25.49 -25.86
CA LEU A 119 3.33 -25.88 -25.74
C LEU A 119 2.81 -26.46 -27.05
N LYS A 120 3.12 -25.80 -28.15
CA LYS A 120 2.65 -26.23 -29.47
C LYS A 120 3.28 -27.55 -29.91
N ASP A 121 4.53 -27.76 -29.53
CA ASP A 121 5.25 -28.95 -29.96
C ASP A 121 4.86 -30.20 -29.16
N ASN A 122 4.58 -30.03 -27.88
CA ASN A 122 4.32 -31.16 -27.00
C ASN A 122 2.84 -31.35 -26.66
N TYR A 123 2.12 -30.25 -26.49
CA TYR A 123 0.70 -30.32 -26.12
C TYR A 123 -0.17 -29.39 -26.96
N PRO A 124 -0.26 -29.62 -28.27
CA PRO A 124 -1.07 -28.74 -29.13
C PRO A 124 -2.57 -28.85 -28.83
N GLU A 125 -3.01 -29.98 -28.30
CA GLU A 125 -4.41 -30.17 -27.97
C GLU A 125 -4.77 -29.41 -26.69
N LYS A 126 -3.77 -29.15 -25.87
CA LYS A 126 -3.98 -28.46 -24.60
C LYS A 126 -3.73 -26.96 -24.73
N SER A 127 -3.26 -26.53 -25.90
CA SER A 127 -2.94 -25.13 -26.13
C SER A 127 -3.51 -24.61 -27.44
N LYS A 128 -4.77 -24.94 -27.71
CA LYS A 128 -5.46 -24.45 -28.91
C LYS A 128 -5.67 -22.95 -28.80
N ARG A 129 -5.76 -22.46 -27.57
CA ARG A 129 -5.80 -21.02 -27.30
C ARG A 129 -4.79 -20.69 -26.20
N ILE A 130 -3.93 -19.72 -26.47
CA ILE A 130 -2.90 -19.33 -25.52
C ILE A 130 -2.97 -17.85 -25.16
N GLY A 131 -3.14 -17.57 -23.87
CA GLY A 131 -3.15 -16.21 -23.38
C GLY A 131 -1.98 -15.95 -22.45
N VAL A 132 -1.67 -14.67 -22.24
CA VAL A 132 -0.57 -14.30 -21.35
C VAL A 132 -1.01 -13.25 -20.32
N ILE A 133 -0.47 -13.37 -19.11
CA ILE A 133 -0.71 -12.38 -18.07
C ILE A 133 0.63 -11.94 -17.46
N GLY A 134 0.92 -10.65 -17.58
CA GLY A 134 2.18 -10.12 -17.07
C GLY A 134 1.99 -9.09 -15.98
N PHE A 135 2.88 -9.12 -14.99
CA PHE A 135 2.84 -8.16 -13.90
C PHE A 135 4.11 -7.31 -13.90
N SER A 136 3.92 -5.99 -13.76
CA SER A 136 5.03 -5.03 -13.78
C SER A 136 5.89 -5.20 -15.03
N MET A 137 7.14 -5.61 -14.84
CA MET A 137 8.05 -5.83 -15.96
C MET A 137 7.61 -7.01 -16.82
N GLY A 138 6.87 -7.93 -16.20
CA GLY A 138 6.34 -9.09 -16.90
C GLY A 138 5.25 -8.68 -17.87
N ALA A 139 4.61 -7.55 -17.61
CA ALA A 139 3.57 -7.03 -18.48
C ALA A 139 4.17 -6.51 -19.77
N LEU A 140 5.40 -5.99 -19.69
CA LEU A 140 6.11 -5.50 -20.86
C LEU A 140 6.39 -6.64 -21.84
N VAL A 141 6.71 -7.81 -21.29
CA VAL A 141 6.97 -8.99 -22.09
C VAL A 141 5.68 -9.49 -22.73
N ALA A 142 4.60 -9.47 -21.96
CA ALA A 142 3.29 -9.92 -22.43
C ALA A 142 2.79 -9.01 -23.56
N ILE A 143 2.98 -7.71 -23.39
CA ILE A 143 2.61 -6.74 -24.42
C ILE A 143 3.40 -6.98 -25.70
N ARG A 144 4.71 -7.21 -25.56
CA ARG A 144 5.57 -7.51 -26.69
C ARG A 144 5.21 -8.84 -27.32
N GLY A 145 4.68 -9.75 -26.49
CA GLY A 145 4.29 -11.07 -26.96
C GLY A 145 3.12 -11.01 -27.93
N LEU A 146 2.18 -10.10 -27.68
CA LEU A 146 1.03 -9.92 -28.55
C LEU A 146 1.45 -9.38 -29.92
N SER A 147 2.63 -8.79 -29.98
CA SER A 147 3.10 -8.14 -31.19
C SER A 147 4.05 -9.03 -32.01
N GLU A 148 4.77 -9.91 -31.33
CA GLU A 148 5.80 -10.69 -32.01
C GLU A 148 5.57 -12.20 -31.96
N VAL A 149 4.64 -12.63 -31.13
CA VAL A 149 4.31 -14.06 -31.04
C VAL A 149 2.89 -14.31 -31.54
N LYS A 150 2.79 -14.96 -32.70
CA LYS A 150 1.51 -15.10 -33.39
C LYS A 150 0.54 -16.07 -32.71
N GLU A 151 1.06 -17.01 -31.93
CA GLU A 151 0.21 -18.03 -31.32
C GLU A 151 -0.56 -17.51 -30.10
N ILE A 152 -0.06 -16.45 -29.49
CA ILE A 152 -0.76 -15.80 -28.39
C ILE A 152 -1.97 -15.05 -28.94
N CYS A 153 -3.16 -15.35 -28.41
CA CYS A 153 -4.38 -14.76 -28.93
C CYS A 153 -4.82 -13.53 -28.13
N CYS A 154 -4.50 -13.51 -26.84
CA CYS A 154 -4.85 -12.38 -25.99
C CYS A 154 -3.87 -12.23 -24.82
N GLY A 155 -3.88 -11.06 -24.21
CA GLY A 155 -2.96 -10.80 -23.11
C GLY A 155 -3.46 -9.76 -22.11
N VAL A 156 -3.01 -9.91 -20.87
CA VAL A 156 -3.34 -8.97 -19.81
C VAL A 156 -2.06 -8.33 -19.28
N ALA A 157 -2.05 -7.00 -19.17
CA ALA A 157 -0.88 -6.28 -18.70
C ALA A 157 -1.19 -5.51 -17.42
N ASP A 158 -0.71 -6.04 -16.29
CA ASP A 158 -0.96 -5.40 -15.00
C ASP A 158 0.21 -4.50 -14.61
N SER A 159 -0.09 -3.21 -14.49
CA SER A 159 0.90 -2.18 -14.12
C SER A 159 2.14 -2.15 -15.02
N PRO A 160 1.96 -2.01 -16.34
CA PRO A 160 3.15 -1.99 -17.20
C PRO A 160 3.83 -0.62 -17.25
N PRO A 161 5.12 -0.57 -16.90
CA PRO A 161 5.88 0.68 -17.01
C PRO A 161 5.94 1.17 -18.45
N ILE A 162 5.35 2.33 -18.71
CA ILE A 162 5.33 2.90 -20.05
C ILE A 162 6.67 3.56 -20.37
N TYR A 163 7.05 4.54 -19.56
CA TYR A 163 8.36 5.19 -19.70
C TYR A 163 9.32 4.65 -18.65
N LEU A 164 10.18 3.72 -19.07
CA LEU A 164 11.08 3.02 -18.15
C LEU A 164 12.05 3.95 -17.43
N ASP A 165 12.38 5.08 -18.05
CA ASP A 165 13.31 6.02 -17.43
C ASP A 165 12.64 6.82 -16.32
N LYS A 166 11.38 7.20 -16.52
CA LYS A 166 10.63 7.93 -15.52
C LYS A 166 10.31 7.02 -14.33
N THR A 167 10.05 5.75 -14.63
CA THR A 167 9.75 4.76 -13.60
C THR A 167 10.96 4.56 -12.67
N GLY A 168 12.15 4.58 -13.24
CA GLY A 168 13.37 4.45 -12.47
C GLY A 168 13.61 5.63 -11.55
N ALA A 169 13.31 6.83 -12.06
CA ALA A 169 13.53 8.06 -11.30
C ALA A 169 12.50 8.22 -10.17
N ARG A 170 11.32 7.64 -10.36
CA ARG A 170 10.27 7.71 -9.35
C ARG A 170 10.54 6.72 -8.22
N GLY A 171 11.34 5.70 -8.52
CA GLY A 171 11.68 4.69 -7.53
C GLY A 171 12.73 5.16 -6.53
N MET A 172 13.72 5.91 -7.02
CA MET A 172 14.82 6.37 -6.17
C MET A 172 14.39 7.44 -5.18
N LYS A 173 13.22 8.02 -5.40
CA LYS A 173 12.71 9.07 -4.51
C LYS A 173 12.38 8.53 -3.12
N TYR A 174 12.11 7.23 -3.03
CA TYR A 174 11.80 6.59 -1.76
C TYR A 174 13.07 6.25 -0.97
N PHE A 175 14.22 6.46 -1.58
CA PHE A 175 15.49 6.18 -0.94
C PHE A 175 16.22 7.47 -0.57
N ALA A 176 15.60 8.60 -0.86
CA ALA A 176 16.23 9.91 -0.67
C ALA A 176 16.43 10.25 0.81
N LYS A 177 15.43 9.94 1.63
CA LYS A 177 15.50 10.22 3.06
C LYS A 177 16.20 9.10 3.82
N LEU A 178 16.69 8.11 3.08
CA LEU A 178 17.27 6.91 3.67
C LEU A 178 18.78 6.85 3.45
N PRO A 179 19.50 6.08 4.30
CA PRO A 179 20.95 5.96 4.17
C PRO A 179 21.40 5.46 2.80
N GLU A 180 22.62 5.83 2.41
CA GLU A 180 23.14 5.52 1.07
C GLU A 180 23.43 4.03 0.87
N TRP A 181 23.63 3.30 1.96
CA TRP A 181 23.90 1.87 1.85
C TRP A 181 22.65 1.15 1.33
N LEU A 182 21.49 1.71 1.62
CA LEU A 182 20.22 1.12 1.20
C LEU A 182 19.96 1.40 -0.28
N TYR A 183 20.33 2.59 -0.73
CA TYR A 183 20.13 2.95 -2.14
C TYR A 183 21.16 2.28 -3.04
N SER A 184 22.30 1.93 -2.46
CA SER A 184 23.36 1.27 -3.21
C SER A 184 22.93 -0.10 -3.72
N PHE A 185 21.93 -0.69 -3.05
CA PHE A 185 21.41 -1.99 -3.44
C PHE A 185 20.73 -1.93 -4.82
N VAL A 186 19.97 -0.88 -5.05
CA VAL A 186 19.17 -0.76 -6.27
C VAL A 186 19.77 0.20 -7.29
N LYS A 187 20.80 0.93 -6.88
CA LYS A 187 21.45 1.90 -7.77
C LYS A 187 21.96 1.31 -9.09
N PRO A 188 22.60 0.12 -9.05
CA PRO A 188 23.03 -0.44 -10.35
C PRO A 188 21.87 -0.75 -11.30
N PHE A 189 20.67 -0.92 -10.75
CA PHE A 189 19.51 -1.27 -11.56
C PHE A 189 18.70 -0.05 -11.97
N SER A 190 18.56 0.91 -11.05
CA SER A 190 17.78 2.11 -11.32
C SER A 190 18.47 3.01 -12.33
N GLU A 191 19.81 3.03 -12.30
CA GLU A 191 20.58 3.86 -13.23
C GLU A 191 20.58 3.28 -14.64
N LEU A 192 20.33 1.98 -14.74
CA LEU A 192 20.28 1.32 -16.04
C LEU A 192 19.06 1.74 -16.85
N PHE A 193 17.95 1.96 -16.16
CA PHE A 193 16.71 2.34 -16.81
C PHE A 193 16.56 3.85 -16.94
N SER A 194 17.15 4.59 -15.99
CA SER A 194 17.03 6.05 -15.97
C SER A 194 17.74 6.71 -17.15
N GLY A 195 18.75 6.04 -17.70
CA GLY A 195 19.49 6.58 -18.82
C GLY A 195 18.64 6.66 -20.08
N GLY A 196 17.69 5.74 -20.20
CA GLY A 196 16.76 5.76 -21.32
C GLY A 196 17.10 4.80 -22.44
N ARG A 197 18.11 3.95 -22.22
CA ARG A 197 18.52 3.01 -23.25
C ARG A 197 17.52 1.86 -23.51
N PRO A 198 16.75 1.40 -22.50
CA PRO A 198 15.91 0.26 -22.88
C PRO A 198 14.65 0.69 -23.63
N ILE A 199 14.22 -0.14 -24.57
CA ILE A 199 13.03 0.15 -25.37
C ILE A 199 11.75 0.11 -24.54
N ASN A 200 10.89 1.10 -24.72
CA ASN A 200 9.59 1.12 -24.06
C ASN A 200 8.56 0.27 -24.79
N VAL A 201 7.40 0.07 -24.18
CA VAL A 201 6.33 -0.69 -24.82
C VAL A 201 5.58 0.16 -25.84
N LEU A 202 5.83 1.47 -25.82
CA LEU A 202 5.25 2.38 -26.80
C LEU A 202 5.69 2.01 -28.21
N ASN A 203 6.78 1.25 -28.28
CA ASN A 203 7.32 0.79 -29.55
C ASN A 203 6.37 -0.18 -30.28
N TYR A 204 5.39 -0.71 -29.56
CA TYR A 204 4.51 -1.73 -30.13
C TYR A 204 3.05 -1.28 -30.20
N THR A 205 2.82 0.02 -30.29
CA THR A 205 1.46 0.54 -30.32
C THR A 205 0.78 0.40 -31.68
N ASN A 206 1.59 0.29 -32.74
CA ASN A 206 1.06 0.16 -34.09
C ASN A 206 1.10 -1.27 -34.60
N SER A 207 1.74 -2.16 -33.83
CA SER A 207 1.93 -3.54 -34.28
C SER A 207 1.04 -4.53 -33.54
N ILE A 208 0.37 -4.08 -32.49
CA ILE A 208 -0.51 -4.95 -31.72
C ILE A 208 -1.95 -4.84 -32.22
N LYS A 209 -2.46 -5.96 -32.76
CA LYS A 209 -3.81 -6.01 -33.28
C LYS A 209 -4.61 -7.14 -32.61
N LYS A 210 -4.24 -7.45 -31.37
CA LYS A 210 -4.92 -8.48 -30.59
C LYS A 210 -5.48 -7.89 -29.30
N PRO A 211 -6.50 -8.54 -28.72
CA PRO A 211 -7.10 -8.07 -27.47
C PRO A 211 -6.07 -7.90 -26.35
N LEU A 212 -6.07 -6.73 -25.72
CA LEU A 212 -5.14 -6.43 -24.65
C LEU A 212 -5.84 -5.75 -23.47
N PHE A 213 -5.68 -6.33 -22.29
CA PHE A 213 -6.31 -5.79 -21.08
C PHE A 213 -5.30 -5.04 -20.23
N LEU A 214 -5.36 -3.71 -20.26
CA LEU A 214 -4.46 -2.87 -19.50
C LEU A 214 -5.01 -2.56 -18.12
N ILE A 215 -4.23 -2.88 -17.08
CA ILE A 215 -4.63 -2.62 -15.71
C ILE A 215 -3.64 -1.70 -15.02
N ILE A 216 -4.11 -0.50 -14.64
CA ILE A 216 -3.25 0.48 -13.98
C ILE A 216 -3.90 1.00 -12.70
N GLY A 217 -3.10 1.16 -11.66
CA GLY A 217 -3.61 1.66 -10.39
C GLY A 217 -3.59 3.17 -10.31
N ARG A 218 -4.65 3.73 -9.72
CA ARG A 218 -4.76 5.18 -9.55
C ARG A 218 -3.72 5.70 -8.58
N ARG A 219 -3.13 4.80 -7.79
CA ARG A 219 -2.19 5.18 -6.76
C ARG A 219 -0.79 4.62 -7.04
N ASP A 220 -0.58 4.15 -8.26
CA ASP A 220 0.75 3.75 -8.69
C ASP A 220 1.61 4.99 -8.85
N THR A 221 2.66 5.09 -8.06
CA THR A 221 3.55 6.25 -8.09
C THR A 221 4.76 5.99 -9.00
N LEU A 222 4.84 4.79 -9.54
CA LEU A 222 5.91 4.43 -10.47
C LEU A 222 5.42 4.58 -11.90
N VAL A 223 4.18 4.16 -12.13
CA VAL A 223 3.55 4.28 -13.44
C VAL A 223 2.28 5.13 -13.33
N LYS A 224 2.18 6.17 -14.15
CA LYS A 224 1.02 7.05 -14.10
C LYS A 224 -0.08 6.58 -15.05
N VAL A 225 -1.33 6.76 -14.63
CA VAL A 225 -2.49 6.36 -15.41
C VAL A 225 -2.49 6.99 -16.80
N GLU A 226 -2.16 8.27 -16.84
CA GLU A 226 -2.16 9.03 -18.09
C GLU A 226 -1.06 8.53 -19.04
N GLU A 227 -0.01 7.95 -18.48
CA GLU A 227 1.04 7.34 -19.29
C GLU A 227 0.51 6.07 -19.94
N VAL A 228 -0.29 5.31 -19.20
CA VAL A 228 -0.92 4.11 -19.71
C VAL A 228 -2.03 4.50 -20.69
N GLN A 229 -2.74 5.58 -20.38
CA GLN A 229 -3.78 6.10 -21.27
C GLN A 229 -3.20 6.53 -22.61
N GLU A 230 -1.93 6.95 -22.59
CA GLU A 230 -1.23 7.33 -23.81
C GLU A 230 -1.00 6.11 -24.70
N PHE A 231 -0.60 5.00 -24.09
CA PHE A 231 -0.43 3.74 -24.80
C PHE A 231 -1.77 3.27 -25.34
N TYR A 232 -2.82 3.48 -24.55
CA TYR A 232 -4.16 3.01 -24.88
C TYR A 232 -4.69 3.57 -26.20
N GLU A 233 -4.73 4.88 -26.32
CA GLU A 233 -5.32 5.50 -27.49
C GLU A 233 -4.32 5.65 -28.65
N ARG A 234 -3.07 5.27 -28.39
CA ARG A 234 -2.10 5.05 -29.46
C ARG A 234 -2.49 3.78 -30.20
N ASN A 235 -2.73 2.73 -29.42
CA ASN A 235 -3.04 1.41 -29.93
C ASN A 235 -4.50 1.30 -30.38
N LYS A 236 -5.33 2.23 -29.91
CA LYS A 236 -6.75 2.27 -30.26
C LYS A 236 -6.95 2.53 -31.75
N HIS A 237 -6.01 3.25 -32.35
CA HIS A 237 -6.05 3.53 -33.78
C HIS A 237 -5.89 2.26 -34.60
N VAL A 238 -5.18 1.29 -34.04
CA VAL A 238 -4.84 0.06 -34.76
C VAL A 238 -5.62 -1.14 -34.21
N ASN A 239 -5.88 -1.11 -32.90
CA ASN A 239 -6.53 -2.24 -32.23
C ASN A 239 -7.79 -1.81 -31.50
N PRO A 240 -8.96 -2.31 -31.95
CA PRO A 240 -10.25 -1.97 -31.36
C PRO A 240 -10.60 -2.81 -30.12
N ASN A 241 -9.72 -3.74 -29.76
CA ASN A 241 -10.00 -4.63 -28.64
C ASN A 241 -9.08 -4.41 -27.44
N VAL A 242 -8.57 -3.19 -27.30
CA VAL A 242 -7.74 -2.85 -26.16
C VAL A 242 -8.61 -2.24 -25.05
N GLU A 243 -8.49 -2.78 -23.85
CA GLU A 243 -9.27 -2.30 -22.71
C GLU A 243 -8.37 -1.70 -21.64
N LEU A 244 -8.93 -0.80 -20.85
CA LEU A 244 -8.21 -0.18 -19.75
C LEU A 244 -9.05 -0.15 -18.49
N TRP A 245 -8.49 -0.65 -17.40
CA TRP A 245 -9.16 -0.62 -16.10
C TRP A 245 -8.30 0.09 -15.07
N VAL A 246 -8.81 1.21 -14.57
CA VAL A 246 -8.11 1.96 -13.53
C VAL A 246 -8.55 1.49 -12.15
N THR A 247 -7.60 1.01 -11.36
CA THR A 247 -7.91 0.46 -10.04
C THR A 247 -7.49 1.42 -8.93
N ASP A 248 -7.84 1.07 -7.70
CA ASP A 248 -7.54 1.93 -6.55
C ASP A 248 -6.29 1.46 -5.80
N ALA A 249 -5.59 0.48 -6.37
CA ALA A 249 -4.43 -0.10 -5.72
C ALA A 249 -3.13 0.56 -6.16
N PRO A 250 -2.06 0.43 -5.35
CA PRO A 250 -0.73 0.84 -5.80
C PRO A 250 -0.15 -0.14 -6.83
N HIS A 251 1.17 -0.14 -6.98
CA HIS A 251 1.83 -0.95 -8.00
C HIS A 251 1.61 -2.45 -7.79
N VAL A 252 1.16 -3.12 -8.85
CA VAL A 252 0.83 -4.56 -8.89
C VAL A 252 0.18 -5.16 -7.63
N ARG A 253 -0.54 -4.34 -6.88
CA ARG A 253 -1.17 -4.81 -5.65
C ARG A 253 -2.67 -5.07 -5.79
N THR A 254 -3.20 -4.85 -7.00
CA THR A 254 -4.64 -4.99 -7.23
C THR A 254 -5.14 -6.41 -7.00
N ILE A 255 -4.36 -7.39 -7.43
CA ILE A 255 -4.77 -8.79 -7.35
C ILE A 255 -4.88 -9.29 -5.91
N GLN A 256 -4.25 -8.57 -4.97
CA GLN A 256 -4.33 -8.95 -3.56
C GLN A 256 -5.29 -8.06 -2.79
N VAL A 257 -5.21 -6.76 -3.03
CA VAL A 257 -5.98 -5.78 -2.29
C VAL A 257 -7.42 -5.71 -2.79
N PHE A 258 -7.59 -5.87 -4.10
CA PHE A 258 -8.93 -5.97 -4.68
C PHE A 258 -9.07 -7.28 -5.46
N PRO A 259 -9.03 -8.43 -4.77
CA PRO A 259 -8.97 -9.73 -5.44
C PRO A 259 -10.24 -10.10 -6.19
N GLU A 260 -11.41 -9.78 -5.63
CA GLU A 260 -12.67 -10.15 -6.25
C GLU A 260 -12.92 -9.38 -7.54
N GLU A 261 -12.59 -8.09 -7.54
CA GLU A 261 -12.80 -7.27 -8.73
C GLU A 261 -11.78 -7.61 -9.80
N TRP A 262 -10.58 -8.01 -9.38
CA TRP A 262 -9.54 -8.41 -10.32
C TRP A 262 -9.93 -9.68 -11.05
N LYS A 263 -10.26 -10.72 -10.28
CA LYS A 263 -10.65 -12.00 -10.84
C LYS A 263 -11.90 -11.89 -11.70
N SER A 264 -12.77 -10.93 -11.37
CA SER A 264 -13.99 -10.71 -12.12
C SER A 264 -13.72 -10.14 -13.51
N ARG A 265 -13.01 -9.02 -13.56
CA ARG A 265 -12.73 -8.34 -14.82
C ARG A 265 -11.77 -9.13 -15.71
N VAL A 266 -10.75 -9.73 -15.11
CA VAL A 266 -9.81 -10.56 -15.84
C VAL A 266 -10.50 -11.85 -16.30
N GLY A 267 -11.38 -12.36 -15.45
CA GLY A 267 -12.12 -13.57 -15.76
C GLY A 267 -12.98 -13.45 -17.00
N GLU A 268 -13.65 -12.30 -17.15
CA GLU A 268 -14.57 -12.12 -18.28
C GLU A 268 -13.81 -11.69 -19.53
N PHE A 269 -12.61 -11.15 -19.34
CA PHE A 269 -11.75 -10.81 -20.46
C PHE A 269 -11.26 -12.09 -21.12
N LEU A 270 -10.73 -13.00 -20.31
CA LEU A 270 -10.26 -14.29 -20.80
C LEU A 270 -11.41 -15.10 -21.39
N LYS A 271 -12.54 -15.12 -20.69
CA LYS A 271 -13.70 -15.90 -21.12
C LYS A 271 -14.20 -15.45 -22.49
N ARG A 272 -13.96 -14.20 -22.83
CA ARG A 272 -14.41 -13.65 -24.11
C ARG A 272 -13.44 -13.96 -25.25
N TRP A 273 -12.15 -13.95 -24.96
CA TRP A 273 -11.14 -14.01 -26.02
C TRP A 273 -10.38 -15.34 -26.10
N MET A 274 -10.54 -16.20 -25.11
CA MET A 274 -9.86 -17.50 -25.14
C MET A 274 -10.66 -18.52 -25.94
N GLY A 275 -11.56 -18.04 -26.78
CA GLY A 275 -12.36 -18.92 -27.63
C GLY A 275 -13.82 -18.91 -27.26
N GLY B 8 -17.73 22.06 18.17
CA GLY B 8 -17.50 20.62 18.31
C GLY B 8 -18.60 19.80 17.69
N TYR B 9 -18.65 18.52 18.07
CA TYR B 9 -19.67 17.61 17.54
C TYR B 9 -20.23 16.74 18.66
N LYS B 10 -21.55 16.75 18.80
CA LYS B 10 -22.22 16.00 19.85
C LYS B 10 -22.22 14.49 19.57
N MET B 11 -22.62 14.13 18.36
CA MET B 11 -22.72 12.72 17.98
C MET B 11 -22.54 12.54 16.48
N VAL B 12 -21.82 11.50 16.09
CA VAL B 12 -21.54 11.24 14.68
C VAL B 12 -21.72 9.78 14.30
N ASN B 13 -21.92 9.53 13.01
CA ASN B 13 -22.00 8.18 12.48
C ASN B 13 -21.40 8.11 11.08
N PRO B 14 -20.40 7.24 10.90
CA PRO B 14 -19.78 7.05 9.58
C PRO B 14 -20.80 6.52 8.56
N PRO B 15 -20.53 6.72 7.26
CA PRO B 15 -21.43 6.25 6.20
C PRO B 15 -21.79 4.78 6.35
N ARG B 16 -23.09 4.50 6.48
CA ARG B 16 -23.59 3.14 6.64
C ARG B 16 -23.36 2.34 5.37
N VAL B 17 -22.67 1.21 5.50
CA VAL B 17 -22.24 0.45 4.33
C VAL B 17 -22.71 -1.01 4.32
N VAL B 18 -23.28 -1.43 3.19
CA VAL B 18 -23.68 -2.81 3.00
C VAL B 18 -22.97 -3.41 1.78
N GLY B 19 -22.27 -4.53 1.99
CA GLY B 19 -21.44 -5.11 0.94
C GLY B 19 -22.08 -6.22 0.13
N ASN B 20 -21.74 -6.28 -1.15
CA ASN B 20 -22.48 -7.11 -2.11
C ASN B 20 -22.06 -8.58 -2.17
N TRP B 21 -22.11 -9.28 -1.04
CA TRP B 21 -21.78 -10.71 -1.01
C TRP B 21 -22.38 -11.41 0.21
N THR B 22 -22.58 -12.73 0.07
CA THR B 22 -23.12 -13.56 1.15
C THR B 22 -22.19 -14.76 1.38
N PRO B 23 -22.34 -15.46 2.52
CA PRO B 23 -21.55 -16.68 2.75
C PRO B 23 -21.71 -17.75 1.68
N LYS B 24 -22.84 -17.73 0.95
CA LYS B 24 -23.05 -18.69 -0.13
C LYS B 24 -22.07 -18.48 -1.27
N ASP B 25 -21.56 -17.26 -1.39
CA ASP B 25 -20.53 -16.95 -2.37
C ASP B 25 -19.20 -17.57 -1.95
N LEU B 26 -19.13 -17.98 -0.69
CA LEU B 26 -17.97 -18.72 -0.18
C LEU B 26 -18.30 -20.20 -0.14
N SER B 27 -19.42 -20.56 -0.76
CA SER B 27 -19.92 -21.94 -0.81
C SER B 27 -20.28 -22.49 0.57
N PHE B 28 -20.91 -21.66 1.39
CA PHE B 28 -21.41 -22.09 2.69
C PHE B 28 -22.83 -21.60 2.92
N GLU B 29 -23.72 -22.51 3.32
CA GLU B 29 -25.07 -22.12 3.68
C GLU B 29 -25.07 -21.36 5.00
N TYR B 30 -25.86 -20.29 5.05
CA TYR B 30 -25.89 -19.43 6.23
C TYR B 30 -27.33 -19.13 6.65
N LYS B 31 -27.46 -18.42 7.78
CA LYS B 31 -28.76 -18.08 8.32
C LYS B 31 -28.78 -16.63 8.79
N ASP B 32 -29.65 -15.83 8.20
CA ASP B 32 -29.84 -14.44 8.64
C ASP B 32 -30.46 -14.41 10.02
N VAL B 33 -29.74 -13.83 10.98
CA VAL B 33 -30.21 -13.82 12.36
C VAL B 33 -30.32 -12.40 12.90
N GLU B 34 -31.09 -12.26 13.98
CA GLU B 34 -31.26 -10.97 14.65
C GLU B 34 -30.87 -11.10 16.11
N ILE B 35 -29.98 -10.22 16.57
CA ILE B 35 -29.49 -10.29 17.94
C ILE B 35 -29.86 -9.03 18.71
N THR B 36 -30.40 -9.21 19.92
CA THR B 36 -30.83 -8.09 20.75
C THR B 36 -29.88 -7.89 21.94
N THR B 37 -29.40 -6.67 22.09
CA THR B 37 -28.48 -6.34 23.17
C THR B 37 -29.22 -6.11 24.48
N GLU B 38 -28.49 -5.86 25.55
CA GLU B 38 -29.10 -5.67 26.87
C GLU B 38 -29.76 -4.30 26.98
N ASP B 39 -29.40 -3.39 26.08
CA ASP B 39 -30.02 -2.07 26.04
C ASP B 39 -30.97 -1.96 24.85
N ASN B 40 -31.55 -3.10 24.47
CA ASN B 40 -32.59 -3.17 23.45
C ASN B 40 -32.21 -2.58 22.10
N VAL B 41 -31.11 -3.08 21.53
CA VAL B 41 -30.71 -2.71 20.18
C VAL B 41 -30.73 -3.93 19.28
N LYS B 42 -31.35 -3.81 18.10
CA LYS B 42 -31.45 -4.93 17.17
C LYS B 42 -30.24 -4.99 16.24
N LEU B 43 -29.46 -6.07 16.38
CA LEU B 43 -28.29 -6.27 15.55
C LEU B 43 -28.58 -7.27 14.43
N SER B 44 -28.00 -7.03 13.26
CA SER B 44 -28.16 -7.92 12.12
C SER B 44 -26.87 -8.71 11.89
N GLY B 45 -27.00 -9.98 11.52
CA GLY B 45 -25.84 -10.81 11.31
C GLY B 45 -26.08 -12.15 10.65
N TRP B 46 -24.99 -12.84 10.33
CA TRP B 46 -25.05 -14.18 9.78
C TRP B 46 -24.68 -15.24 10.81
N TRP B 47 -25.44 -16.32 10.84
CA TRP B 47 -25.03 -17.51 11.58
C TRP B 47 -24.66 -18.58 10.58
N ILE B 48 -23.40 -18.99 10.59
CA ILE B 48 -22.91 -19.97 9.63
C ILE B 48 -22.57 -21.29 10.30
N ASP B 49 -23.52 -22.21 10.29
CA ASP B 49 -23.35 -23.52 10.90
C ASP B 49 -22.39 -24.37 10.07
N ASN B 50 -21.24 -24.69 10.65
CA ASN B 50 -20.21 -25.45 9.94
C ASN B 50 -20.05 -26.86 10.49
N GLY B 51 -20.91 -27.23 11.45
CA GLY B 51 -20.90 -28.56 12.01
C GLY B 51 -19.90 -28.75 13.13
N SER B 52 -19.28 -27.65 13.55
CA SER B 52 -18.29 -27.71 14.62
C SER B 52 -18.92 -27.37 15.97
N ASP B 53 -18.18 -27.64 17.04
CA ASP B 53 -18.60 -27.19 18.37
C ASP B 53 -17.80 -25.95 18.77
N LYS B 54 -17.04 -25.44 17.81
CA LYS B 54 -16.24 -24.23 18.01
C LYS B 54 -16.74 -23.11 17.12
N THR B 55 -16.92 -21.93 17.71
CA THR B 55 -17.37 -20.77 16.95
C THR B 55 -16.41 -19.59 17.12
N VAL B 56 -15.98 -19.03 15.99
CA VAL B 56 -15.14 -17.83 16.02
C VAL B 56 -15.94 -16.63 15.54
N ILE B 57 -15.79 -15.51 16.24
CA ILE B 57 -16.52 -14.29 15.91
C ILE B 57 -15.57 -13.20 15.43
N PRO B 58 -15.70 -12.80 14.15
CA PRO B 58 -14.89 -11.72 13.59
C PRO B 58 -15.53 -10.34 13.78
N LEU B 59 -14.76 -9.38 14.29
CA LEU B 59 -15.27 -8.04 14.57
C LEU B 59 -14.66 -7.01 13.63
N HIS B 60 -15.53 -6.26 12.94
CA HIS B 60 -15.08 -5.33 11.91
C HIS B 60 -14.67 -3.97 12.47
N GLY B 61 -14.28 -3.06 11.58
CA GLY B 61 -13.75 -1.77 11.96
C GLY B 61 -14.78 -0.65 12.08
N TYR B 62 -14.28 0.56 12.33
CA TYR B 62 -15.12 1.71 12.61
C TYR B 62 -15.98 2.13 11.42
N THR B 63 -15.41 2.08 10.22
CA THR B 63 -16.08 2.62 9.04
C THR B 63 -16.70 1.54 8.16
N SER B 64 -16.68 0.30 8.62
CA SER B 64 -17.15 -0.80 7.80
C SER B 64 -18.28 -1.61 8.45
N SER B 65 -18.43 -2.85 7.99
CA SER B 65 -19.44 -3.76 8.53
C SER B 65 -18.93 -5.19 8.36
N ARG B 66 -19.82 -6.18 8.51
CA ARG B 66 -19.42 -7.57 8.39
C ARG B 66 -19.02 -7.93 6.96
N TRP B 67 -19.30 -7.03 6.03
CA TRP B 67 -19.01 -7.25 4.63
C TRP B 67 -17.63 -6.74 4.20
N ALA B 68 -16.90 -6.10 5.13
CA ALA B 68 -15.66 -5.40 4.82
C ALA B 68 -14.71 -6.22 3.94
N GLU B 69 -14.67 -5.83 2.67
CA GLU B 69 -13.96 -6.58 1.63
C GLU B 69 -12.49 -6.85 1.92
N HIS B 70 -11.86 -5.98 2.71
CA HIS B 70 -10.42 -6.04 2.89
C HIS B 70 -9.97 -6.99 4.00
N TYR B 71 -10.86 -7.34 4.92
CA TYR B 71 -10.48 -8.25 5.99
C TYR B 71 -11.60 -9.16 6.48
N MET B 72 -12.84 -8.70 6.44
CA MET B 72 -13.95 -9.51 6.91
C MET B 72 -14.25 -10.67 5.98
N ARG B 73 -14.33 -10.39 4.67
CA ARG B 73 -14.57 -11.44 3.69
C ARG B 73 -13.47 -12.51 3.66
N PRO B 74 -12.18 -12.10 3.67
CA PRO B 74 -11.19 -13.18 3.69
C PRO B 74 -11.12 -13.94 5.02
N VAL B 75 -11.31 -13.28 6.16
CA VAL B 75 -11.20 -13.96 7.44
C VAL B 75 -12.33 -14.98 7.63
N ILE B 76 -13.51 -14.66 7.10
CA ILE B 76 -14.66 -15.55 7.21
C ILE B 76 -14.45 -16.79 6.35
N GLU B 77 -13.98 -16.56 5.13
CA GLU B 77 -13.66 -17.66 4.21
C GLU B 77 -12.57 -18.54 4.80
N PHE B 78 -11.63 -17.92 5.51
CA PHE B 78 -10.55 -18.64 6.17
C PHE B 78 -11.06 -19.48 7.34
N LEU B 79 -11.89 -18.87 8.18
CA LEU B 79 -12.44 -19.56 9.35
C LEU B 79 -13.31 -20.75 8.96
N LEU B 80 -14.10 -20.58 7.90
CA LEU B 80 -15.00 -21.64 7.44
C LEU B 80 -14.22 -22.82 6.86
N LYS B 81 -13.17 -22.53 6.11
CA LYS B 81 -12.33 -23.58 5.52
C LYS B 81 -11.55 -24.33 6.59
N GLU B 82 -11.26 -23.65 7.70
CA GLU B 82 -10.59 -24.28 8.83
C GLU B 82 -11.55 -25.21 9.58
N GLY B 83 -12.85 -24.98 9.39
CA GLY B 83 -13.87 -25.84 9.97
C GLY B 83 -14.57 -25.26 11.18
N TYR B 84 -14.49 -23.93 11.32
CA TYR B 84 -15.15 -23.26 12.45
C TYR B 84 -16.54 -22.76 12.08
N ASN B 85 -17.43 -22.76 13.07
CA ASN B 85 -18.69 -22.05 12.93
C ASN B 85 -18.41 -20.55 13.03
N VAL B 86 -19.18 -19.74 12.31
CA VAL B 86 -18.94 -18.30 12.32
C VAL B 86 -20.22 -17.51 12.60
N LEU B 87 -20.12 -16.59 13.57
CA LEU B 87 -21.16 -15.60 13.78
C LEU B 87 -20.61 -14.22 13.42
N ALA B 88 -21.12 -13.66 12.33
CA ALA B 88 -20.66 -12.35 11.86
C ALA B 88 -21.81 -11.36 11.82
N PHE B 89 -21.73 -10.33 12.66
CA PHE B 89 -22.78 -9.32 12.73
C PHE B 89 -22.23 -7.92 12.53
N ASP B 90 -23.13 -6.98 12.26
CA ASP B 90 -22.76 -5.57 12.19
C ASP B 90 -22.86 -4.95 13.57
N PHE B 91 -21.84 -4.19 13.95
CA PHE B 91 -21.92 -3.38 15.17
C PHE B 91 -23.06 -2.39 15.04
N ARG B 92 -23.55 -1.86 16.16
CA ARG B 92 -24.65 -0.92 16.13
C ARG B 92 -24.31 0.30 15.28
N ALA B 93 -25.31 0.81 14.57
CA ALA B 93 -25.17 1.93 13.64
C ALA B 93 -24.23 1.59 12.48
N HIS B 94 -24.07 0.30 12.20
CA HIS B 94 -23.32 -0.15 11.04
C HIS B 94 -24.14 -1.16 10.23
N GLY B 95 -23.87 -1.24 8.93
CA GLY B 95 -24.52 -2.21 8.07
C GLY B 95 -26.04 -2.19 8.14
N LYS B 96 -26.62 -3.27 8.65
CA LYS B 96 -28.06 -3.38 8.77
C LYS B 96 -28.51 -3.39 10.23
N SER B 97 -27.56 -3.21 11.15
CA SER B 97 -27.86 -3.23 12.58
C SER B 97 -28.49 -1.93 13.06
N GLY B 98 -29.24 -2.03 14.15
CA GLY B 98 -29.90 -0.87 14.74
C GLY B 98 -28.92 0.06 15.42
N GLY B 99 -29.45 1.16 15.96
CA GLY B 99 -28.61 2.20 16.53
C GLY B 99 -28.43 3.32 15.52
N LYS B 100 -28.41 4.56 16.00
CA LYS B 100 -28.38 5.71 15.10
C LYS B 100 -26.99 6.32 14.98
N TYR B 101 -26.26 6.39 16.09
CA TYR B 101 -24.92 6.98 16.08
C TYR B 101 -23.87 6.04 16.65
N THR B 102 -22.71 6.03 16.02
CA THR B 102 -21.57 5.26 16.52
C THR B 102 -20.76 6.08 17.51
N THR B 103 -20.36 7.27 17.06
CA THR B 103 -19.54 8.19 17.84
C THR B 103 -18.27 7.51 18.33
N VAL B 104 -18.21 7.20 19.62
CA VAL B 104 -17.02 6.59 20.21
C VAL B 104 -17.05 5.07 20.03
N GLY B 105 -18.26 4.52 19.90
CA GLY B 105 -18.42 3.09 19.71
C GLY B 105 -18.09 2.32 20.97
N ASP B 106 -18.32 2.95 22.12
CA ASP B 106 -18.00 2.35 23.41
C ASP B 106 -19.01 1.28 23.82
N LYS B 107 -20.17 1.30 23.16
CA LYS B 107 -21.24 0.36 23.48
C LYS B 107 -21.12 -0.93 22.66
N GLU B 108 -20.06 -1.05 21.88
CA GLU B 108 -19.88 -2.21 21.01
C GLU B 108 -19.48 -3.45 21.79
N ILE B 109 -19.08 -3.26 23.05
CA ILE B 109 -18.79 -4.39 23.93
C ILE B 109 -20.10 -5.09 24.29
N LEU B 110 -21.18 -4.32 24.37
CA LEU B 110 -22.50 -4.88 24.64
C LEU B 110 -23.02 -5.63 23.42
N ASP B 111 -22.60 -5.19 22.24
CA ASP B 111 -22.93 -5.88 21.01
C ASP B 111 -22.28 -7.27 20.98
N LEU B 112 -21.04 -7.34 21.45
CA LEU B 112 -20.30 -8.59 21.50
C LEU B 112 -20.91 -9.57 22.49
N LYS B 113 -21.26 -9.06 23.68
CA LYS B 113 -21.88 -9.89 24.70
C LYS B 113 -23.22 -10.46 24.23
N ALA B 114 -23.96 -9.64 23.50
CA ALA B 114 -25.24 -10.07 22.95
C ALA B 114 -25.04 -11.23 21.97
N GLY B 115 -23.98 -11.15 21.18
CA GLY B 115 -23.66 -12.19 20.22
C GLY B 115 -23.25 -13.49 20.89
N VAL B 116 -22.41 -13.38 21.91
CA VAL B 116 -21.96 -14.55 22.67
C VAL B 116 -23.15 -15.21 23.39
N LYS B 117 -23.97 -14.38 24.03
CA LYS B 117 -25.16 -14.87 24.73
C LYS B 117 -26.12 -15.55 23.77
N TRP B 118 -26.24 -14.99 22.56
CA TRP B 118 -27.08 -15.58 21.52
C TRP B 118 -26.59 -16.97 21.14
N LEU B 119 -25.27 -17.12 21.07
CA LEU B 119 -24.67 -18.40 20.73
C LEU B 119 -24.89 -19.44 21.82
N LYS B 120 -24.76 -19.01 23.07
CA LYS B 120 -24.90 -19.92 24.21
C LYS B 120 -26.35 -20.33 24.43
N ASP B 121 -27.29 -19.45 24.10
CA ASP B 121 -28.71 -19.74 24.30
C ASP B 121 -29.30 -20.59 23.18
N ASN B 122 -28.88 -20.31 21.95
CA ASN B 122 -29.49 -20.97 20.79
C ASN B 122 -28.70 -22.18 20.29
N TYR B 123 -27.38 -22.11 20.33
CA TYR B 123 -26.55 -23.22 19.88
C TYR B 123 -25.37 -23.49 20.82
N PRO B 124 -25.67 -23.90 22.07
CA PRO B 124 -24.61 -24.11 23.06
C PRO B 124 -23.68 -25.26 22.70
N GLU B 125 -24.18 -26.21 21.93
CA GLU B 125 -23.39 -27.37 21.52
C GLU B 125 -22.52 -27.03 20.32
N LYS B 126 -22.84 -25.93 19.65
CA LYS B 126 -22.08 -25.48 18.50
C LYS B 126 -21.06 -24.41 18.89
N SER B 127 -20.96 -24.16 20.20
CA SER B 127 -20.09 -23.09 20.69
C SER B 127 -19.54 -23.38 22.09
N LYS B 128 -19.00 -24.59 22.27
CA LYS B 128 -18.33 -24.93 23.53
C LYS B 128 -17.09 -24.07 23.70
N ARG B 129 -16.48 -23.70 22.58
CA ARG B 129 -15.35 -22.79 22.57
C ARG B 129 -15.67 -21.59 21.68
N ILE B 130 -15.41 -20.39 22.18
CA ILE B 130 -15.68 -19.17 21.42
C ILE B 130 -14.43 -18.28 21.36
N GLY B 131 -13.92 -18.09 20.14
CA GLY B 131 -12.80 -17.20 19.93
C GLY B 131 -13.25 -15.93 19.22
N VAL B 132 -12.46 -14.87 19.33
CA VAL B 132 -12.78 -13.62 18.66
C VAL B 132 -11.59 -13.09 17.85
N ILE B 133 -11.89 -12.49 16.71
CA ILE B 133 -10.88 -11.85 15.89
C ILE B 133 -11.32 -10.44 15.52
N GLY B 134 -10.54 -9.44 15.92
CA GLY B 134 -10.90 -8.06 15.66
C GLY B 134 -9.90 -7.35 14.77
N PHE B 135 -10.40 -6.46 13.93
CA PHE B 135 -9.55 -5.69 13.03
C PHE B 135 -9.66 -4.20 13.29
N SER B 136 -8.51 -3.56 13.48
CA SER B 136 -8.43 -2.12 13.77
C SER B 136 -9.27 -1.75 15.00
N MET B 137 -10.37 -1.03 14.78
CA MET B 137 -11.23 -0.62 15.87
C MET B 137 -11.88 -1.83 16.53
N GLY B 138 -12.15 -2.86 15.73
CA GLY B 138 -12.74 -4.08 16.23
C GLY B 138 -11.77 -4.89 17.08
N ALA B 139 -10.48 -4.63 16.91
CA ALA B 139 -9.45 -5.31 17.68
C ALA B 139 -9.51 -4.90 19.14
N LEU B 140 -9.93 -3.67 19.40
CA LEU B 140 -10.07 -3.18 20.76
C LEU B 140 -11.25 -3.86 21.44
N VAL B 141 -12.35 -4.02 20.70
CA VAL B 141 -13.53 -4.72 21.19
C VAL B 141 -13.19 -6.17 21.52
N ALA B 142 -12.30 -6.75 20.71
CA ALA B 142 -11.83 -8.11 20.95
C ALA B 142 -10.98 -8.16 22.23
N ILE B 143 -10.09 -7.18 22.38
CA ILE B 143 -9.26 -7.08 23.57
C ILE B 143 -10.11 -6.84 24.82
N ARG B 144 -11.02 -5.87 24.74
CA ARG B 144 -11.93 -5.58 25.83
C ARG B 144 -12.86 -6.76 26.10
N GLY B 145 -13.27 -7.42 25.02
CA GLY B 145 -14.16 -8.56 25.13
C GLY B 145 -13.48 -9.78 25.74
N LEU B 146 -12.18 -9.90 25.49
CA LEU B 146 -11.40 -11.01 26.04
C LEU B 146 -11.28 -10.88 27.56
N SER B 147 -11.46 -9.67 28.05
CA SER B 147 -11.35 -9.39 29.48
C SER B 147 -12.72 -9.41 30.18
N GLU B 148 -13.72 -8.85 29.51
CA GLU B 148 -15.03 -8.66 30.13
C GLU B 148 -16.01 -9.80 29.86
N VAL B 149 -15.91 -10.41 28.67
CA VAL B 149 -16.77 -11.54 28.34
C VAL B 149 -16.06 -12.84 28.73
N LYS B 150 -16.63 -13.53 29.72
CA LYS B 150 -15.96 -14.68 30.32
C LYS B 150 -16.11 -15.97 29.52
N GLU B 151 -16.96 -15.96 28.51
CA GLU B 151 -17.18 -17.16 27.70
C GLU B 151 -16.34 -17.17 26.42
N ILE B 152 -15.50 -16.16 26.26
CA ILE B 152 -14.54 -16.13 25.16
C ILE B 152 -13.19 -16.66 25.66
N CYS B 153 -12.70 -17.74 25.04
CA CYS B 153 -11.51 -18.42 25.52
C CYS B 153 -10.21 -17.85 24.95
N CYS B 154 -10.28 -17.30 23.75
CA CYS B 154 -9.10 -16.69 23.13
C CYS B 154 -9.48 -15.59 22.15
N GLY B 155 -8.52 -14.74 21.82
CA GLY B 155 -8.78 -13.62 20.93
C GLY B 155 -7.58 -13.21 20.08
N VAL B 156 -7.87 -12.69 18.90
CA VAL B 156 -6.84 -12.18 18.01
C VAL B 156 -7.10 -10.71 17.71
N ALA B 157 -6.13 -9.85 17.99
CA ALA B 157 -6.27 -8.43 17.74
C ALA B 157 -5.31 -7.97 16.64
N ASP B 158 -5.87 -7.62 15.50
CA ASP B 158 -5.06 -7.16 14.36
C ASP B 158 -5.04 -5.63 14.29
N SER B 159 -3.86 -5.06 14.46
CA SER B 159 -3.65 -3.61 14.42
C SER B 159 -4.55 -2.82 15.36
N PRO B 160 -4.47 -3.09 16.68
CA PRO B 160 -5.32 -2.36 17.62
C PRO B 160 -4.75 -0.99 17.99
N PRO B 161 -5.56 0.07 17.86
CA PRO B 161 -5.12 1.41 18.28
C PRO B 161 -4.92 1.50 19.79
N ILE B 162 -3.68 1.39 20.24
CA ILE B 162 -3.36 1.47 21.66
C ILE B 162 -3.63 2.86 22.20
N TYR B 163 -3.18 3.87 21.45
CA TYR B 163 -3.49 5.26 21.78
C TYR B 163 -4.40 5.83 20.70
N LEU B 164 -5.69 5.92 21.01
CA LEU B 164 -6.68 6.35 20.03
C LEU B 164 -6.46 7.80 19.58
N ASP B 165 -5.98 8.64 20.49
CA ASP B 165 -5.76 10.04 20.17
C ASP B 165 -4.61 10.21 19.20
N LYS B 166 -3.51 9.50 19.47
CA LYS B 166 -2.34 9.55 18.62
C LYS B 166 -2.65 8.96 17.25
N THR B 167 -3.38 7.85 17.24
CA THR B 167 -3.77 7.20 15.99
C THR B 167 -4.63 8.11 15.13
N GLY B 168 -5.59 8.78 15.77
CA GLY B 168 -6.48 9.69 15.06
C GLY B 168 -5.76 10.86 14.44
N ALA B 169 -4.82 11.44 15.18
CA ALA B 169 -4.05 12.59 14.71
C ALA B 169 -3.21 12.24 13.48
N ARG B 170 -2.59 11.06 13.51
CA ARG B 170 -1.76 10.60 12.41
C ARG B 170 -2.56 10.41 11.12
N GLY B 171 -3.81 9.95 11.26
CA GLY B 171 -4.67 9.76 10.12
C GLY B 171 -5.12 11.07 9.50
N MET B 172 -5.36 12.06 10.34
CA MET B 172 -5.86 13.36 9.88
C MET B 172 -4.80 14.14 9.10
N LYS B 173 -3.53 13.90 9.41
CA LYS B 173 -2.44 14.64 8.78
C LYS B 173 -2.30 14.29 7.30
N TYR B 174 -2.85 13.15 6.90
CA TYR B 174 -2.88 12.77 5.50
C TYR B 174 -3.92 13.60 4.74
N PHE B 175 -4.99 13.98 5.45
CA PHE B 175 -6.08 14.73 4.85
C PHE B 175 -5.84 16.24 4.91
N ALA B 176 -4.90 16.65 5.74
CA ALA B 176 -4.63 18.08 5.95
C ALA B 176 -3.88 18.69 4.76
N LYS B 177 -3.36 17.84 3.89
CA LYS B 177 -2.62 18.29 2.72
C LYS B 177 -3.51 18.36 1.50
N LEU B 178 -4.77 17.99 1.68
CA LEU B 178 -5.73 17.88 0.59
C LEU B 178 -6.79 18.99 0.69
N PRO B 179 -7.54 19.23 -0.40
CA PRO B 179 -8.61 20.25 -0.39
C PRO B 179 -9.52 20.17 0.82
N GLU B 180 -10.08 21.31 1.21
CA GLU B 180 -10.85 21.41 2.45
C GLU B 180 -12.16 20.62 2.41
N TRP B 181 -12.74 20.49 1.22
CA TRP B 181 -13.98 19.74 1.08
C TRP B 181 -13.75 18.26 1.37
N LEU B 182 -12.52 17.80 1.13
CA LEU B 182 -12.16 16.42 1.41
C LEU B 182 -11.90 16.22 2.90
N TYR B 183 -11.25 17.20 3.51
CA TYR B 183 -11.00 17.14 4.96
C TYR B 183 -12.31 17.24 5.72
N SER B 184 -13.29 17.90 5.11
CA SER B 184 -14.59 18.10 5.73
C SER B 184 -15.32 16.78 5.97
N PHE B 185 -15.04 15.79 5.12
CA PHE B 185 -15.68 14.48 5.24
C PHE B 185 -15.33 13.80 6.55
N VAL B 186 -14.06 13.90 6.95
CA VAL B 186 -13.55 13.16 8.09
C VAL B 186 -13.38 14.05 9.33
N LYS B 187 -13.53 15.35 9.14
CA LYS B 187 -13.37 16.31 10.23
C LYS B 187 -14.28 16.06 11.46
N PRO B 188 -15.57 15.75 11.24
CA PRO B 188 -16.42 15.53 12.42
C PRO B 188 -16.00 14.33 13.27
N PHE B 189 -15.13 13.47 12.73
CA PHE B 189 -14.72 12.26 13.43
C PHE B 189 -13.40 12.46 14.17
N SER B 190 -13.06 13.72 14.41
CA SER B 190 -11.92 14.04 15.27
C SER B 190 -12.41 14.14 16.72
N GLU B 191 -12.60 12.97 17.35
CA GLU B 191 -13.26 12.88 18.65
C GLU B 191 -12.38 13.35 19.80
N LEU B 192 -12.35 12.55 20.86
CA LEU B 192 -11.39 12.68 21.97
C LEU B 192 -11.18 14.13 22.46
N ILE B 199 -11.84 7.02 27.37
CA ILE B 199 -11.57 5.88 26.50
C ILE B 199 -10.07 5.59 26.42
N ASN B 200 -9.73 4.31 26.48
CA ASN B 200 -8.36 3.83 26.47
C ASN B 200 -8.34 2.30 26.37
N VAL B 201 -7.18 1.67 26.33
CA VAL B 201 -7.11 0.21 26.28
C VAL B 201 -5.96 -0.40 27.08
N LEU B 202 -5.06 0.43 27.60
CA LEU B 202 -3.84 -0.09 28.23
C LEU B 202 -4.05 -0.71 29.63
N ASN B 203 -5.25 -0.58 30.19
CA ASN B 203 -5.53 -1.10 31.54
C ASN B 203 -5.87 -2.58 31.49
N TYR B 204 -6.24 -3.05 30.31
CA TYR B 204 -6.68 -4.42 30.15
C TYR B 204 -5.48 -5.36 30.14
N THR B 205 -4.30 -4.79 30.36
CA THR B 205 -3.08 -5.58 30.49
C THR B 205 -3.00 -6.24 31.86
N ASN B 206 -3.82 -5.76 32.79
CA ASN B 206 -3.84 -6.28 34.14
C ASN B 206 -4.96 -7.30 34.36
N SER B 207 -5.93 -7.30 33.45
CA SER B 207 -7.11 -8.14 33.62
C SER B 207 -7.14 -9.34 32.67
N ILE B 208 -6.59 -9.16 31.46
CA ILE B 208 -6.58 -10.24 30.48
C ILE B 208 -5.56 -11.32 30.82
N LYS B 209 -6.06 -12.54 31.06
CA LYS B 209 -5.20 -13.66 31.35
C LYS B 209 -5.52 -14.85 30.44
N LYS B 210 -6.26 -14.58 29.38
CA LYS B 210 -6.55 -15.58 28.36
C LYS B 210 -5.65 -15.37 27.15
N PRO B 211 -5.45 -16.44 26.34
CA PRO B 211 -4.60 -16.35 25.15
C PRO B 211 -4.95 -15.17 24.23
N LEU B 212 -3.94 -14.40 23.85
CA LEU B 212 -4.14 -13.23 23.00
C LEU B 212 -3.06 -13.14 21.93
N PHE B 213 -3.49 -13.07 20.67
CA PHE B 213 -2.56 -12.94 19.55
C PHE B 213 -2.58 -11.51 19.02
N LEU B 214 -1.50 -10.78 19.27
CA LEU B 214 -1.38 -9.40 18.81
C LEU B 214 -0.65 -9.32 17.47
N ILE B 215 -1.28 -8.63 16.51
CA ILE B 215 -0.70 -8.48 15.19
C ILE B 215 -0.55 -7.00 14.85
N ILE B 216 0.65 -6.60 14.42
CA ILE B 216 0.92 -5.20 14.11
C ILE B 216 1.96 -5.09 12.99
N GLY B 217 1.71 -4.18 12.05
CA GLY B 217 2.60 -4.03 10.90
C GLY B 217 3.70 -3.01 11.13
N ARG B 218 4.90 -3.33 10.61
CA ARG B 218 6.04 -2.44 10.72
C ARG B 218 5.85 -1.15 9.93
N ARG B 219 4.93 -1.19 8.98
CA ARG B 219 4.68 -0.03 8.11
C ARG B 219 3.35 0.62 8.41
N ASP B 220 2.77 0.26 9.56
CA ASP B 220 1.57 0.92 10.04
C ASP B 220 1.97 2.28 10.60
N THR B 221 1.37 3.34 10.06
CA THR B 221 1.69 4.70 10.48
C THR B 221 0.56 5.28 11.34
N LEU B 222 -0.50 4.51 11.51
CA LEU B 222 -1.60 4.91 12.39
C LEU B 222 -1.36 4.35 13.79
N VAL B 223 -0.84 3.13 13.84
CA VAL B 223 -0.49 2.47 15.09
C VAL B 223 0.97 2.04 15.06
N LYS B 224 1.76 2.52 16.00
CA LYS B 224 3.17 2.19 16.04
C LYS B 224 3.42 0.82 16.67
N VAL B 225 4.50 0.17 16.24
CA VAL B 225 4.83 -1.17 16.69
C VAL B 225 5.10 -1.23 18.19
N GLU B 226 5.83 -0.24 18.71
CA GLU B 226 6.18 -0.24 20.13
C GLU B 226 4.98 0.10 21.00
N GLU B 227 3.96 0.70 20.40
CA GLU B 227 2.72 0.98 21.13
C GLU B 227 1.98 -0.33 21.41
N VAL B 228 1.96 -1.21 20.42
CA VAL B 228 1.39 -2.55 20.59
C VAL B 228 2.34 -3.40 21.42
N GLN B 229 3.63 -3.17 21.23
CA GLN B 229 4.66 -3.90 21.97
C GLN B 229 4.59 -3.56 23.46
N GLU B 230 4.21 -2.32 23.76
CA GLU B 230 4.05 -1.88 25.15
C GLU B 230 2.92 -2.67 25.82
N PHE B 231 1.86 -2.92 25.08
CA PHE B 231 0.75 -3.73 25.57
C PHE B 231 1.23 -5.15 25.86
N TYR B 232 2.12 -5.64 24.99
CA TYR B 232 2.64 -7.00 25.09
C TYR B 232 3.50 -7.22 26.33
N GLU B 233 4.45 -6.32 26.55
CA GLU B 233 5.41 -6.46 27.65
C GLU B 233 4.72 -6.42 29.01
N ARG B 234 3.71 -5.57 29.14
CA ARG B 234 2.99 -5.41 30.41
C ARG B 234 2.11 -6.62 30.70
N ASN B 235 1.40 -7.10 29.67
CA ASN B 235 0.48 -8.21 29.84
C ASN B 235 1.21 -9.55 29.99
N LYS B 236 2.47 -9.58 29.60
CA LYS B 236 3.29 -10.79 29.72
C LYS B 236 3.50 -11.17 31.18
N HIS B 237 3.43 -10.19 32.07
CA HIS B 237 3.65 -10.46 33.49
C HIS B 237 2.46 -11.13 34.16
N VAL B 238 1.29 -11.04 33.51
CA VAL B 238 0.09 -11.66 34.07
C VAL B 238 -0.47 -12.75 33.15
N ASN B 239 -0.15 -12.66 31.86
CA ASN B 239 -0.62 -13.63 30.89
C ASN B 239 0.52 -14.30 30.14
N PRO B 240 0.75 -15.59 30.40
CA PRO B 240 1.85 -16.35 29.80
C PRO B 240 1.55 -16.82 28.37
N ASN B 241 0.36 -16.51 27.87
CA ASN B 241 -0.04 -16.99 26.54
C ASN B 241 -0.38 -15.86 25.58
N VAL B 242 0.20 -14.68 25.80
CA VAL B 242 0.05 -13.59 24.86
C VAL B 242 1.17 -13.62 23.82
N GLU B 243 0.80 -13.50 22.56
CA GLU B 243 1.79 -13.50 21.48
C GLU B 243 1.79 -12.19 20.71
N LEU B 244 2.92 -11.87 20.10
CA LEU B 244 3.05 -10.66 19.29
C LEU B 244 3.71 -10.96 17.96
N TRP B 245 2.98 -10.68 16.88
CA TRP B 245 3.52 -10.88 15.53
C TRP B 245 3.67 -9.54 14.82
N VAL B 246 4.91 -9.18 14.51
CA VAL B 246 5.18 -7.95 13.77
C VAL B 246 5.29 -8.26 12.28
N THR B 247 4.42 -7.67 11.48
CA THR B 247 4.35 -7.97 10.05
C THR B 247 4.96 -6.87 9.20
N ASP B 248 5.01 -7.11 7.89
CA ASP B 248 5.60 -6.16 6.95
C ASP B 248 4.55 -5.29 6.26
N ALA B 249 3.28 -5.51 6.61
CA ALA B 249 2.19 -4.80 5.97
C ALA B 249 1.86 -3.49 6.68
N PRO B 250 1.15 -2.58 6.00
CA PRO B 250 0.60 -1.40 6.68
C PRO B 250 -0.63 -1.75 7.51
N HIS B 251 -1.48 -0.77 7.79
CA HIS B 251 -2.63 -0.96 8.67
C HIS B 251 -3.63 -1.99 8.12
N VAL B 252 -3.97 -2.96 8.97
CA VAL B 252 -4.89 -4.08 8.68
C VAL B 252 -4.81 -4.68 7.26
N ARG B 253 -3.64 -4.62 6.64
CA ARG B 253 -3.47 -5.13 5.29
C ARG B 253 -2.75 -6.48 5.26
N THR B 254 -2.39 -7.00 6.43
CA THR B 254 -1.63 -8.24 6.52
C THR B 254 -2.39 -9.43 5.97
N ILE B 255 -3.68 -9.50 6.25
CA ILE B 255 -4.50 -10.64 5.83
C ILE B 255 -4.69 -10.68 4.32
N GLN B 256 -4.47 -9.55 3.65
CA GLN B 256 -4.61 -9.48 2.20
C GLN B 256 -3.26 -9.54 1.49
N VAL B 257 -2.29 -8.79 1.99
CA VAL B 257 -0.98 -8.70 1.36
C VAL B 257 -0.11 -9.91 1.72
N PHE B 258 -0.25 -10.41 2.94
CA PHE B 258 0.45 -11.63 3.35
C PHE B 258 -0.55 -12.69 3.83
N PRO B 259 -1.32 -13.26 2.89
CA PRO B 259 -2.42 -14.18 3.22
C PRO B 259 -1.95 -15.50 3.84
N GLU B 260 -0.91 -16.11 3.27
CA GLU B 260 -0.44 -17.40 3.73
C GLU B 260 0.24 -17.29 5.10
N GLU B 261 0.94 -16.19 5.32
CA GLU B 261 1.55 -15.92 6.62
C GLU B 261 0.48 -15.76 7.70
N TRP B 262 -0.53 -14.96 7.38
CA TRP B 262 -1.61 -14.67 8.31
C TRP B 262 -2.40 -15.93 8.66
N LYS B 263 -2.86 -16.64 7.63
CA LYS B 263 -3.66 -17.85 7.81
C LYS B 263 -2.92 -18.93 8.59
N SER B 264 -1.62 -19.06 8.34
CA SER B 264 -0.82 -20.07 9.02
C SER B 264 -0.66 -19.77 10.50
N ARG B 265 -0.23 -18.56 10.82
CA ARG B 265 0.02 -18.17 12.20
C ARG B 265 -1.27 -18.08 13.04
N VAL B 266 -2.31 -17.50 12.46
CA VAL B 266 -3.60 -17.40 13.14
C VAL B 266 -4.24 -18.77 13.28
N GLY B 267 -4.15 -19.57 12.21
CA GLY B 267 -4.68 -20.92 12.22
C GLY B 267 -4.05 -21.78 13.29
N GLU B 268 -2.73 -21.65 13.45
CA GLU B 268 -2.01 -22.38 14.48
C GLU B 268 -2.41 -21.92 15.88
N PHE B 269 -2.62 -20.61 16.00
CA PHE B 269 -3.03 -20.02 17.28
C PHE B 269 -4.40 -20.55 17.71
N LEU B 270 -5.35 -20.55 16.79
CA LEU B 270 -6.70 -21.00 17.07
C LEU B 270 -6.73 -22.49 17.39
N LYS B 271 -6.05 -23.29 16.57
CA LYS B 271 -5.99 -24.74 16.76
C LYS B 271 -5.49 -25.11 18.16
N ARG B 272 -4.61 -24.28 18.71
CA ARG B 272 -4.00 -24.53 20.00
C ARG B 272 -4.92 -24.18 21.17
N TRP B 273 -5.77 -23.18 20.98
CA TRP B 273 -6.58 -22.68 22.09
C TRP B 273 -8.08 -22.94 21.95
N MET B 274 -8.54 -23.27 20.75
CA MET B 274 -9.93 -23.62 20.55
C MET B 274 -10.16 -25.10 20.86
N GLY B 275 -9.06 -25.85 20.99
CA GLY B 275 -9.13 -27.26 21.28
C GLY B 275 -8.29 -28.10 20.33
N HIS C 7 4.37 -18.74 2.06
CA HIS C 7 5.30 -19.72 2.58
C HIS C 7 6.75 -19.20 2.51
N GLY C 8 6.91 -18.03 1.89
CA GLY C 8 8.17 -17.32 1.92
C GLY C 8 9.24 -17.76 0.92
N TYR C 9 10.48 -17.40 1.23
CA TYR C 9 11.62 -17.73 0.38
C TYR C 9 12.27 -19.04 0.78
N LYS C 10 12.30 -20.00 -0.15
CA LYS C 10 13.12 -21.19 0.05
C LYS C 10 14.54 -20.69 0.09
N MET C 11 14.88 -19.83 -0.85
CA MET C 11 16.27 -19.53 -1.06
C MET C 11 16.55 -18.26 -1.87
N VAL C 12 17.61 -17.54 -1.48
CA VAL C 12 17.94 -16.25 -2.12
C VAL C 12 19.43 -16.11 -2.44
N ASN C 13 19.74 -15.79 -3.70
CA ASN C 13 21.12 -15.56 -4.13
C ASN C 13 21.52 -14.09 -4.21
N PRO C 14 22.81 -13.81 -4.00
CA PRO C 14 23.36 -12.45 -4.14
C PRO C 14 23.13 -11.87 -5.53
N PRO C 15 23.07 -10.54 -5.62
CA PRO C 15 22.97 -9.86 -6.92
C PRO C 15 24.29 -9.91 -7.68
N ARG C 16 24.23 -9.77 -9.00
CA ARG C 16 25.44 -9.68 -9.80
C ARG C 16 25.62 -8.26 -10.31
N VAL C 17 26.74 -7.64 -9.94
CA VAL C 17 27.04 -6.28 -10.35
C VAL C 17 28.35 -6.20 -11.12
N VAL C 18 28.25 -5.94 -12.42
CA VAL C 18 29.42 -5.78 -13.26
C VAL C 18 29.47 -4.37 -13.82
N GLY C 19 30.58 -3.67 -13.55
CA GLY C 19 30.73 -2.29 -13.98
C GLY C 19 31.39 -2.18 -15.36
N ASN C 20 31.46 -0.96 -15.86
CA ASN C 20 32.07 -0.70 -17.16
C ASN C 20 33.59 -0.62 -17.09
N TRP C 21 34.10 0.01 -16.03
CA TRP C 21 35.51 0.35 -15.96
C TRP C 21 36.42 -0.86 -15.79
N THR C 22 37.65 -0.70 -16.27
CA THR C 22 38.69 -1.71 -16.16
C THR C 22 39.94 -1.03 -15.59
N PRO C 23 40.96 -1.81 -15.20
CA PRO C 23 42.22 -1.17 -14.78
C PRO C 23 42.85 -0.27 -15.84
N LYS C 24 42.47 -0.41 -17.10
CA LYS C 24 42.98 0.44 -18.17
C LYS C 24 42.61 1.91 -17.94
N ASP C 25 41.42 2.13 -17.39
CA ASP C 25 40.94 3.48 -17.10
C ASP C 25 41.75 4.11 -15.98
N LEU C 26 42.59 3.30 -15.34
CA LEU C 26 43.51 3.78 -14.32
C LEU C 26 44.93 3.77 -14.86
N SER C 27 45.04 3.70 -16.19
CA SER C 27 46.32 3.66 -16.89
C SER C 27 47.20 2.48 -16.44
N PHE C 28 46.56 1.34 -16.22
CA PHE C 28 47.27 0.11 -15.86
C PHE C 28 46.76 -1.04 -16.72
N GLU C 29 47.67 -1.84 -17.26
CA GLU C 29 47.26 -3.03 -18.00
C GLU C 29 47.11 -4.21 -17.05
N TYR C 30 46.21 -5.11 -17.38
CA TYR C 30 45.79 -6.16 -16.46
C TYR C 30 45.54 -7.49 -17.17
N LYS C 31 45.24 -8.52 -16.39
CA LYS C 31 44.94 -9.84 -16.93
C LYS C 31 43.65 -10.38 -16.32
N ASP C 32 42.75 -10.87 -17.17
CA ASP C 32 41.53 -11.50 -16.68
C ASP C 32 41.84 -12.93 -16.26
N VAL C 33 41.69 -13.21 -14.97
CA VAL C 33 42.09 -14.51 -14.44
C VAL C 33 40.92 -15.30 -13.89
N GLU C 34 41.08 -16.62 -13.88
CA GLU C 34 40.06 -17.53 -13.35
C GLU C 34 40.63 -18.27 -12.15
N ILE C 35 40.04 -18.04 -10.98
CA ILE C 35 40.51 -18.66 -9.75
C ILE C 35 39.55 -19.75 -9.28
N THR C 36 40.08 -20.97 -9.13
CA THR C 36 39.27 -22.09 -8.67
C THR C 36 39.49 -22.36 -7.19
N THR C 37 38.40 -22.44 -6.43
CA THR C 37 38.48 -22.70 -5.00
C THR C 37 38.62 -24.20 -4.74
N GLU C 38 38.82 -24.57 -3.48
CA GLU C 38 39.01 -25.96 -3.12
C GLU C 38 37.72 -26.78 -3.30
N ASP C 39 36.58 -26.11 -3.28
CA ASP C 39 35.31 -26.77 -3.55
C ASP C 39 34.88 -26.52 -4.99
N ASN C 40 35.87 -26.34 -5.85
CA ASN C 40 35.67 -26.22 -7.31
C ASN C 40 34.71 -25.11 -7.74
N VAL C 41 34.88 -23.94 -7.14
CA VAL C 41 34.13 -22.76 -7.59
C VAL C 41 35.04 -21.86 -8.39
N LYS C 42 34.65 -21.57 -9.64
CA LYS C 42 35.45 -20.73 -10.51
C LYS C 42 35.16 -19.25 -10.28
N LEU C 43 36.16 -18.53 -9.78
CA LEU C 43 36.02 -17.11 -9.51
C LEU C 43 36.63 -16.27 -10.63
N SER C 44 36.04 -15.11 -10.87
CA SER C 44 36.58 -14.18 -11.86
C SER C 44 37.28 -13.03 -11.15
N GLY C 45 38.39 -12.58 -11.71
CA GLY C 45 39.15 -11.51 -11.08
C GLY C 45 40.19 -10.84 -11.97
N TRP C 46 40.80 -9.79 -11.43
CA TRP C 46 41.86 -9.07 -12.14
C TRP C 46 43.21 -9.32 -11.49
N TRP C 47 44.21 -9.63 -12.31
CA TRP C 47 45.59 -9.63 -11.84
C TRP C 47 46.31 -8.41 -12.42
N ILE C 48 46.52 -7.41 -11.57
CA ILE C 48 47.16 -6.18 -12.02
C ILE C 48 48.63 -6.16 -11.59
N ASP C 49 49.50 -6.57 -12.51
CA ASP C 49 50.93 -6.58 -12.25
C ASP C 49 51.48 -5.16 -12.24
N ASN C 50 52.08 -4.77 -11.12
CA ASN C 50 52.63 -3.43 -10.97
C ASN C 50 54.13 -3.46 -10.80
N GLY C 51 54.74 -4.60 -11.17
CA GLY C 51 56.17 -4.77 -11.06
C GLY C 51 56.65 -4.76 -9.61
N SER C 52 55.91 -5.43 -8.75
CA SER C 52 56.24 -5.44 -7.32
C SER C 52 56.32 -6.85 -6.76
N ASP C 53 56.91 -6.97 -5.58
CA ASP C 53 56.97 -8.24 -4.86
C ASP C 53 55.84 -8.32 -3.85
N LYS C 54 55.06 -7.25 -3.76
CA LYS C 54 53.99 -7.14 -2.77
C LYS C 54 52.63 -7.01 -3.42
N THR C 55 51.66 -7.75 -2.91
CA THR C 55 50.32 -7.76 -3.47
C THR C 55 49.27 -7.49 -2.39
N VAL C 56 48.29 -6.66 -2.72
CA VAL C 56 47.18 -6.39 -1.81
C VAL C 56 45.85 -6.81 -2.42
N ILE C 57 45.05 -7.55 -1.67
CA ILE C 57 43.76 -8.02 -2.14
C ILE C 57 42.62 -7.24 -1.49
N PRO C 58 41.89 -6.45 -2.29
CA PRO C 58 40.74 -5.69 -1.79
C PRO C 58 39.43 -6.50 -1.83
N LEU C 59 38.81 -6.69 -0.68
CA LEU C 59 37.58 -7.48 -0.57
C LEU C 59 36.35 -6.58 -0.53
N HIS C 60 35.34 -6.94 -1.32
CA HIS C 60 34.16 -6.09 -1.48
C HIS C 60 33.00 -6.49 -0.58
N GLY C 61 31.92 -5.71 -0.65
CA GLY C 61 30.73 -5.96 0.15
C GLY C 61 29.91 -7.12 -0.39
N TYR C 62 28.91 -7.52 0.39
CA TYR C 62 28.14 -8.72 0.06
C TYR C 62 27.02 -8.45 -0.94
N THR C 63 26.86 -7.18 -1.33
CA THR C 63 25.84 -6.82 -2.31
C THR C 63 26.44 -6.17 -3.56
N SER C 64 27.77 -6.06 -3.60
CA SER C 64 28.44 -5.48 -4.76
C SER C 64 29.49 -6.44 -5.31
N SER C 65 30.57 -5.86 -5.86
CA SER C 65 31.64 -6.65 -6.46
C SER C 65 32.92 -5.83 -6.54
N ARG C 66 33.81 -6.23 -7.45
CA ARG C 66 35.09 -5.54 -7.61
C ARG C 66 34.91 -4.17 -8.26
N TRP C 67 33.71 -3.91 -8.78
CA TRP C 67 33.44 -2.68 -9.52
C TRP C 67 32.79 -1.59 -8.69
N ALA C 68 32.60 -1.85 -7.39
CA ALA C 68 31.92 -0.90 -6.50
C ALA C 68 32.61 0.47 -6.53
N GLU C 69 32.06 1.38 -7.31
CA GLU C 69 32.71 2.66 -7.59
C GLU C 69 32.89 3.55 -6.36
N HIS C 70 32.11 3.30 -5.31
CA HIS C 70 32.16 4.15 -4.13
C HIS C 70 33.31 3.80 -3.18
N TYR C 71 33.94 2.65 -3.39
CA TYR C 71 35.11 2.30 -2.57
C TYR C 71 36.09 1.36 -3.26
N MET C 72 35.60 0.47 -4.12
CA MET C 72 36.48 -0.49 -4.79
C MET C 72 37.36 0.16 -5.85
N ARG C 73 36.79 1.06 -6.63
CA ARG C 73 37.56 1.76 -7.65
C ARG C 73 38.62 2.70 -7.07
N PRO C 74 38.27 3.49 -6.03
CA PRO C 74 39.35 4.33 -5.50
C PRO C 74 40.42 3.56 -4.71
N VAL C 75 40.07 2.42 -4.11
CA VAL C 75 41.06 1.68 -3.32
C VAL C 75 42.03 0.93 -4.23
N ILE C 76 41.55 0.48 -5.40
CA ILE C 76 42.41 -0.19 -6.35
C ILE C 76 43.38 0.82 -6.97
N GLU C 77 42.85 1.99 -7.31
CA GLU C 77 43.65 3.07 -7.87
C GLU C 77 44.69 3.54 -6.87
N PHE C 78 44.29 3.63 -5.60
CA PHE C 78 45.19 4.03 -4.52
C PHE C 78 46.34 3.03 -4.36
N LEU C 79 46.01 1.75 -4.34
CA LEU C 79 47.00 0.69 -4.21
C LEU C 79 47.98 0.69 -5.37
N LEU C 80 47.47 0.96 -6.57
CA LEU C 80 48.30 0.94 -7.77
C LEU C 80 49.26 2.12 -7.82
N LYS C 81 48.81 3.27 -7.34
CA LYS C 81 49.65 4.46 -7.32
C LYS C 81 50.62 4.42 -6.13
N GLU C 82 50.39 3.47 -5.23
CA GLU C 82 51.31 3.22 -4.13
C GLU C 82 52.47 2.33 -4.57
N GLY C 83 52.20 1.48 -5.55
CA GLY C 83 53.22 0.60 -6.09
C GLY C 83 52.96 -0.88 -5.87
N TYR C 84 51.83 -1.18 -5.24
CA TYR C 84 51.48 -2.57 -4.95
C TYR C 84 50.88 -3.29 -6.15
N ASN C 85 51.11 -4.60 -6.23
CA ASN C 85 50.36 -5.45 -7.15
C ASN C 85 48.95 -5.61 -6.59
N VAL C 86 47.97 -5.74 -7.48
CA VAL C 86 46.58 -5.86 -7.03
C VAL C 86 45.87 -7.07 -7.62
N LEU C 87 45.35 -7.92 -6.74
CA LEU C 87 44.47 -9.00 -7.15
C LEU C 87 43.07 -8.74 -6.64
N ALA C 88 42.17 -8.36 -7.55
CA ALA C 88 40.79 -8.05 -7.17
C ALA C 88 39.82 -8.99 -7.85
N PHE C 89 39.14 -9.82 -7.06
CA PHE C 89 38.19 -10.79 -7.59
C PHE C 89 36.82 -10.62 -6.95
N ASP C 90 35.78 -11.04 -7.69
CA ASP C 90 34.44 -11.07 -7.15
C ASP C 90 34.27 -12.31 -6.28
N PHE C 91 33.60 -12.16 -5.14
CA PHE C 91 33.24 -13.31 -4.33
C PHE C 91 32.28 -14.21 -5.10
N ARG C 92 32.11 -15.44 -4.64
CA ARG C 92 31.34 -16.42 -5.40
C ARG C 92 29.88 -15.98 -5.60
N ALA C 93 29.41 -16.17 -6.83
CA ALA C 93 28.09 -15.72 -7.27
C ALA C 93 27.88 -14.22 -7.13
N HIS C 94 28.99 -13.48 -7.04
CA HIS C 94 28.95 -12.03 -7.19
C HIS C 94 29.63 -11.67 -8.50
N GLY C 95 29.17 -10.59 -9.12
CA GLY C 95 29.76 -10.11 -10.36
C GLY C 95 29.82 -11.16 -11.46
N LYS C 96 31.03 -11.66 -11.72
CA LYS C 96 31.24 -12.63 -12.79
C LYS C 96 31.60 -14.02 -12.27
N SER C 97 31.77 -14.14 -10.95
CA SER C 97 32.14 -15.42 -10.35
C SER C 97 30.97 -16.39 -10.31
N GLY C 98 31.27 -17.67 -10.09
CA GLY C 98 30.25 -18.69 -10.04
C GLY C 98 29.93 -19.13 -8.62
N GLY C 99 29.07 -20.13 -8.48
CA GLY C 99 28.68 -20.62 -7.17
C GLY C 99 27.65 -21.73 -7.24
N TYR C 101 24.72 -22.09 -4.89
CA TYR C 101 24.07 -21.18 -3.97
C TYR C 101 25.05 -20.75 -2.88
N THR C 102 25.22 -19.44 -2.74
CA THR C 102 26.27 -18.87 -1.87
C THR C 102 25.90 -19.01 -0.37
N THR C 103 24.89 -19.83 -0.09
CA THR C 103 24.50 -20.16 1.28
C THR C 103 24.31 -18.91 2.16
N VAL C 104 24.87 -18.99 3.36
CA VAL C 104 24.86 -17.89 4.31
C VAL C 104 25.94 -16.87 3.97
N GLY C 105 27.12 -17.36 3.60
CA GLY C 105 28.22 -16.49 3.24
C GLY C 105 29.53 -16.91 3.89
N ASP C 106 29.51 -18.09 4.50
CA ASP C 106 30.70 -18.63 5.17
C ASP C 106 31.75 -19.10 4.16
N LYS C 107 31.33 -19.26 2.91
CA LYS C 107 32.20 -19.80 1.86
C LYS C 107 33.17 -18.76 1.29
N GLU C 108 33.06 -17.52 1.75
CA GLU C 108 33.89 -16.45 1.21
C GLU C 108 35.32 -16.52 1.73
N ILE C 109 35.52 -17.19 2.86
CA ILE C 109 36.86 -17.40 3.39
C ILE C 109 37.61 -18.36 2.48
N LEU C 110 36.88 -19.25 1.81
CA LEU C 110 37.46 -20.18 0.85
C LEU C 110 37.89 -19.43 -0.41
N ASP C 111 37.14 -18.38 -0.74
CA ASP C 111 37.47 -17.55 -1.89
C ASP C 111 38.77 -16.79 -1.67
N LEU C 112 38.96 -16.30 -0.45
CA LEU C 112 40.18 -15.59 -0.10
C LEU C 112 41.37 -16.53 -0.09
N LYS C 113 41.15 -17.75 0.40
CA LYS C 113 42.18 -18.77 0.39
C LYS C 113 42.56 -19.16 -1.04
N ALA C 114 41.57 -19.17 -1.92
CA ALA C 114 41.80 -19.49 -3.33
C ALA C 114 42.65 -18.43 -4.00
N GLY C 115 42.37 -17.17 -3.70
CA GLY C 115 43.13 -16.06 -4.24
C GLY C 115 44.58 -16.11 -3.81
N VAL C 116 44.79 -16.34 -2.51
CA VAL C 116 46.13 -16.47 -1.95
C VAL C 116 46.88 -17.65 -2.57
N LYS C 117 46.20 -18.79 -2.66
CA LYS C 117 46.77 -19.97 -3.29
C LYS C 117 47.13 -19.70 -4.75
N TRP C 118 46.24 -19.00 -5.45
CA TRP C 118 46.45 -18.67 -6.86
C TRP C 118 47.69 -17.79 -7.03
N LEU C 119 47.90 -16.87 -6.09
CA LEU C 119 49.06 -15.99 -6.13
C LEU C 119 50.35 -16.77 -5.95
N LYS C 120 50.37 -17.68 -4.97
CA LYS C 120 51.56 -18.46 -4.67
C LYS C 120 51.86 -19.48 -5.76
N ASP C 121 50.83 -19.91 -6.48
CA ASP C 121 51.00 -20.90 -7.54
C ASP C 121 51.45 -20.27 -8.85
N ASN C 122 50.95 -19.07 -9.14
CA ASN C 122 51.23 -18.43 -10.42
C ASN C 122 52.34 -17.38 -10.34
N TYR C 123 52.23 -16.45 -9.40
CA TYR C 123 53.22 -15.39 -9.27
C TYR C 123 53.72 -15.24 -7.83
N PRO C 124 54.43 -16.26 -7.32
CA PRO C 124 54.89 -16.20 -5.92
C PRO C 124 55.96 -15.12 -5.69
N GLU C 125 56.73 -14.81 -6.72
CA GLU C 125 57.76 -13.79 -6.61
C GLU C 125 57.12 -12.41 -6.46
N LYS C 126 55.91 -12.27 -7.00
CA LYS C 126 55.20 -11.00 -6.97
C LYS C 126 54.23 -10.91 -5.78
N SER C 127 54.33 -11.86 -4.87
CA SER C 127 53.45 -11.88 -3.70
C SER C 127 54.16 -12.40 -2.46
N LYS C 128 55.40 -11.99 -2.27
CA LYS C 128 56.15 -12.33 -1.05
C LYS C 128 55.46 -11.73 0.17
N ARG C 129 54.78 -10.60 -0.05
CA ARG C 129 53.95 -9.99 0.98
C ARG C 129 52.52 -9.86 0.48
N ILE C 130 51.56 -10.35 1.26
CA ILE C 130 50.16 -10.24 0.89
C ILE C 130 49.34 -9.55 1.98
N GLY C 131 48.62 -8.51 1.60
CA GLY C 131 47.77 -7.79 2.54
C GLY C 131 46.33 -7.76 2.06
N VAL C 132 45.40 -7.56 2.99
CA VAL C 132 43.98 -7.54 2.65
C VAL C 132 43.28 -6.28 3.13
N ILE C 133 42.38 -5.77 2.30
CA ILE C 133 41.54 -4.64 2.66
C ILE C 133 40.08 -4.97 2.37
N GLY C 134 39.27 -5.04 3.42
CA GLY C 134 37.88 -5.40 3.27
C GLY C 134 36.92 -4.29 3.69
N PHE C 135 35.79 -4.21 3.00
CA PHE C 135 34.77 -3.22 3.30
C PHE C 135 33.46 -3.89 3.71
N SER C 136 32.85 -3.38 4.79
CA SER C 136 31.61 -3.92 5.32
C SER C 136 31.74 -5.41 5.67
N MET C 137 30.95 -6.25 5.02
CA MET C 137 31.05 -7.70 5.25
C MET C 137 32.36 -8.23 4.68
N GLY C 138 32.95 -7.50 3.75
CA GLY C 138 34.25 -7.85 3.21
C GLY C 138 35.33 -7.66 4.25
N ALA C 139 35.09 -6.75 5.19
CA ALA C 139 36.03 -6.49 6.27
C ALA C 139 36.07 -7.67 7.25
N LEU C 140 34.96 -8.40 7.33
CA LEU C 140 34.90 -9.59 8.17
C LEU C 140 35.72 -10.73 7.57
N VAL C 141 35.63 -10.88 6.26
CA VAL C 141 36.43 -11.88 5.55
C VAL C 141 37.91 -11.58 5.71
N ALA C 142 38.24 -10.29 5.72
CA ALA C 142 39.62 -9.85 5.92
C ALA C 142 40.07 -10.12 7.36
N ILE C 143 39.18 -9.89 8.31
CA ILE C 143 39.47 -10.16 9.72
C ILE C 143 39.63 -11.66 9.96
N ARG C 144 38.73 -12.45 9.39
CA ARG C 144 38.80 -13.89 9.50
C ARG C 144 40.03 -14.42 8.74
N GLY C 145 40.28 -13.86 7.57
CA GLY C 145 41.41 -14.25 6.75
C GLY C 145 42.74 -13.95 7.41
N LEU C 146 42.78 -12.88 8.20
CA LEU C 146 44.01 -12.49 8.90
C LEU C 146 44.30 -13.44 10.06
N SER C 147 43.31 -14.24 10.43
CA SER C 147 43.45 -15.14 11.56
C SER C 147 43.74 -16.57 11.14
N GLU C 148 43.35 -16.94 9.92
CA GLU C 148 43.41 -18.32 9.48
C GLU C 148 44.29 -18.54 8.26
N VAL C 149 44.62 -17.46 7.54
CA VAL C 149 45.47 -17.56 6.37
C VAL C 149 46.89 -17.08 6.68
N LYS C 150 47.83 -18.02 6.66
CA LYS C 150 49.20 -17.77 7.09
C LYS C 150 49.94 -16.79 6.17
N GLU C 151 49.61 -16.80 4.88
CA GLU C 151 50.34 -16.02 3.89
C GLU C 151 50.01 -14.52 3.95
N ILE C 152 48.96 -14.17 4.68
CA ILE C 152 48.58 -12.76 4.83
C ILE C 152 49.29 -12.13 6.02
N CYS C 153 50.07 -11.08 5.76
CA CYS C 153 50.89 -10.46 6.81
C CYS C 153 50.12 -9.40 7.60
N CYS C 154 49.24 -8.67 6.93
CA CYS C 154 48.45 -7.64 7.60
C CYS C 154 47.11 -7.42 6.90
N GLY C 155 46.21 -6.70 7.57
CA GLY C 155 44.89 -6.46 7.02
C GLY C 155 44.25 -5.17 7.49
N VAL C 156 43.40 -4.60 6.64
CA VAL C 156 42.64 -3.41 6.97
C VAL C 156 41.14 -3.70 6.94
N ALA C 157 40.44 -3.34 8.00
CA ALA C 157 39.00 -3.60 8.10
C ALA C 157 38.21 -2.30 8.20
N ASP C 158 37.54 -1.94 7.11
CA ASP C 158 36.73 -0.72 7.08
C ASP C 158 35.26 -1.03 7.33
N SER C 159 34.74 -0.46 8.41
CA SER C 159 33.35 -0.65 8.83
C SER C 159 32.93 -2.11 8.96
N PRO C 160 33.64 -2.90 9.80
CA PRO C 160 33.23 -4.30 9.94
C PRO C 160 32.09 -4.47 10.96
N PRO C 161 31.01 -5.15 10.55
CA PRO C 161 29.92 -5.46 11.47
C PRO C 161 30.38 -6.37 12.60
N ILE C 162 30.20 -5.93 13.85
CA ILE C 162 30.67 -6.68 15.00
C ILE C 162 29.55 -7.56 15.57
N TYR C 163 28.40 -6.97 15.81
CA TYR C 163 27.21 -7.73 16.22
C TYR C 163 26.24 -7.81 15.04
N LEU C 164 26.29 -8.92 14.31
CA LEU C 164 25.53 -9.08 13.07
C LEU C 164 24.03 -8.93 13.25
N ASP C 165 23.49 -9.49 14.33
CA ASP C 165 22.06 -9.43 14.59
C ASP C 165 21.63 -8.02 14.99
N LYS C 166 22.52 -7.30 15.66
CA LYS C 166 22.25 -5.91 16.02
C LYS C 166 22.30 -5.03 14.78
N THR C 167 23.19 -5.38 13.86
CA THR C 167 23.33 -4.64 12.60
C THR C 167 22.14 -4.91 11.68
N GLY C 168 21.68 -6.15 11.66
CA GLY C 168 20.52 -6.53 10.87
C GLY C 168 19.26 -5.86 11.39
N ALA C 169 19.19 -5.68 12.70
CA ALA C 169 18.04 -5.03 13.33
C ALA C 169 17.97 -3.57 12.96
N ARG C 170 19.12 -2.89 13.00
CA ARG C 170 19.20 -1.49 12.59
C ARG C 170 18.84 -1.33 11.12
N GLY C 171 19.24 -2.32 10.32
CA GLY C 171 18.99 -2.30 8.89
C GLY C 171 17.52 -2.43 8.54
N MET C 172 16.81 -3.27 9.29
CA MET C 172 15.39 -3.50 9.03
C MET C 172 14.56 -2.25 9.34
N LYS C 173 15.08 -1.42 10.25
CA LYS C 173 14.40 -0.18 10.61
C LYS C 173 14.28 0.75 9.41
N TYR C 174 15.32 0.79 8.58
CA TYR C 174 15.33 1.65 7.41
C TYR C 174 14.60 1.02 6.24
N PHE C 175 14.59 -0.31 6.19
CA PHE C 175 13.79 -1.03 5.20
C PHE C 175 12.30 -0.78 5.44
N ALA C 176 11.95 -0.56 6.71
CA ALA C 176 10.57 -0.36 7.11
C ALA C 176 10.03 1.01 6.67
N LYS C 177 10.94 1.94 6.41
CA LYS C 177 10.55 3.27 5.96
C LYS C 177 10.18 3.27 4.48
N LEU C 178 10.36 2.12 3.84
CA LEU C 178 9.90 1.92 2.47
C LEU C 178 8.47 1.43 2.45
N PRO C 179 7.68 1.86 1.45
CA PRO C 179 6.32 1.36 1.28
C PRO C 179 6.30 -0.15 1.09
N GLU C 180 5.22 -0.81 1.51
CA GLU C 180 5.13 -2.26 1.43
C GLU C 180 5.28 -2.75 0.00
N TRP C 181 4.54 -2.14 -0.92
CA TRP C 181 4.55 -2.56 -2.32
C TRP C 181 5.92 -2.40 -2.96
N LEU C 182 6.74 -1.49 -2.43
CA LEU C 182 8.08 -1.29 -2.94
C LEU C 182 9.08 -2.19 -2.23
N TYR C 183 8.82 -2.47 -0.96
CA TYR C 183 9.71 -3.33 -0.17
C TYR C 183 9.80 -4.74 -0.74
N SER C 184 8.73 -5.20 -1.37
CA SER C 184 8.70 -6.53 -1.97
C SER C 184 9.74 -6.66 -3.08
N PHE C 185 10.07 -5.53 -3.72
CA PHE C 185 11.09 -5.50 -4.75
C PHE C 185 12.49 -5.72 -4.18
N VAL C 186 12.73 -5.16 -2.98
CA VAL C 186 14.06 -5.19 -2.39
C VAL C 186 14.15 -6.13 -1.19
N LYS C 187 13.04 -6.82 -0.91
CA LYS C 187 13.01 -7.82 0.16
C LYS C 187 14.08 -8.92 0.03
N PRO C 188 14.37 -9.39 -1.20
CA PRO C 188 15.47 -10.36 -1.33
C PRO C 188 16.81 -9.86 -0.76
N PHE C 189 17.06 -8.56 -0.80
CA PHE C 189 18.28 -7.99 -0.24
C PHE C 189 18.31 -8.16 1.29
N SER C 190 17.15 -7.99 1.91
CA SER C 190 17.04 -8.10 3.37
C SER C 190 17.25 -9.55 3.82
N GLU C 191 16.61 -10.48 3.13
CA GLU C 191 16.71 -11.89 3.45
C GLU C 191 18.09 -12.45 3.14
N LEU C 192 18.82 -11.75 2.29
CA LEU C 192 20.17 -12.14 1.91
C LEU C 192 21.11 -12.14 3.12
N PHE C 193 20.83 -11.26 4.07
CA PHE C 193 21.65 -11.15 5.27
C PHE C 193 21.08 -11.95 6.44
N SER C 194 19.88 -12.51 6.24
CA SER C 194 19.23 -13.28 7.29
C SER C 194 19.53 -14.77 7.16
N GLY C 195 20.60 -15.11 6.48
CA GLY C 195 20.99 -16.50 6.27
C GLY C 195 21.54 -17.14 7.53
N ILE C 199 27.68 -16.38 15.70
CA ILE C 199 28.31 -15.40 14.82
C ILE C 199 29.65 -14.91 15.35
N ASN C 200 29.86 -15.11 16.65
CA ASN C 200 30.75 -14.27 17.45
C ASN C 200 32.05 -13.83 16.78
N VAL C 201 31.97 -12.66 16.15
CA VAL C 201 33.12 -12.00 15.55
C VAL C 201 34.17 -11.72 16.61
N LEU C 202 33.70 -11.47 17.84
CA LEU C 202 34.59 -11.15 18.96
C LEU C 202 35.51 -12.30 19.34
N ASN C 203 35.24 -13.49 18.82
CA ASN C 203 36.12 -14.63 19.06
C ASN C 203 37.42 -14.51 18.29
N TYR C 204 37.44 -13.62 17.29
CA TYR C 204 38.64 -13.39 16.49
C TYR C 204 39.58 -12.40 17.17
N THR C 205 39.21 -11.95 18.36
CA THR C 205 40.06 -11.04 19.14
C THR C 205 41.12 -11.81 19.90
N ASN C 206 40.92 -13.12 20.02
CA ASN C 206 41.86 -13.98 20.73
C ASN C 206 42.95 -14.52 19.81
N SER C 207 42.59 -14.80 18.56
CA SER C 207 43.50 -15.47 17.64
C SER C 207 44.40 -14.52 16.86
N ILE C 208 43.85 -13.40 16.41
CA ILE C 208 44.59 -12.46 15.58
C ILE C 208 45.77 -11.83 16.32
N LYS C 209 46.97 -12.16 15.86
CA LYS C 209 48.19 -11.61 16.44
C LYS C 209 49.02 -10.89 15.36
N LYS C 210 48.36 -10.61 14.23
CA LYS C 210 48.99 -9.88 13.13
C LYS C 210 48.47 -8.44 13.11
N PRO C 211 49.24 -7.52 12.48
CA PRO C 211 48.81 -6.12 12.38
C PRO C 211 47.42 -5.95 11.77
N LEU C 212 46.55 -5.27 12.49
CA LEU C 212 45.18 -5.05 12.03
C LEU C 212 44.80 -3.57 12.15
N PHE C 213 44.18 -3.04 11.09
CA PHE C 213 43.78 -1.64 11.08
C PHE C 213 42.27 -1.50 10.96
N LEU C 214 41.62 -1.14 12.07
CA LEU C 214 40.17 -1.01 12.11
C LEU C 214 39.72 0.42 11.81
N ILE C 215 38.68 0.54 10.99
CA ILE C 215 38.13 1.84 10.64
C ILE C 215 36.61 1.87 10.83
N ILE C 216 36.13 2.78 11.66
CA ILE C 216 34.70 2.90 11.91
C ILE C 216 34.27 4.37 12.00
N GLY C 217 33.16 4.69 11.33
CA GLY C 217 32.66 6.05 11.33
C GLY C 217 31.58 6.29 12.38
N ARG C 218 31.46 7.55 12.81
CA ARG C 218 30.47 7.90 13.83
C ARG C 218 29.06 7.94 13.25
N ARG C 219 28.97 8.24 11.96
CA ARG C 219 27.66 8.37 11.30
C ARG C 219 27.17 7.04 10.75
N ASP C 220 27.90 5.96 11.04
CA ASP C 220 27.53 4.64 10.57
C ASP C 220 26.25 4.17 11.25
N THR C 221 25.18 4.06 10.46
CA THR C 221 23.86 3.68 10.99
C THR C 221 23.73 2.18 11.18
N LEU C 222 24.75 1.43 10.75
CA LEU C 222 24.71 -0.03 10.83
C LEU C 222 25.62 -0.56 11.92
N VAL C 223 26.80 0.04 12.04
CA VAL C 223 27.79 -0.41 13.02
C VAL C 223 28.19 0.73 13.96
N LYS C 224 28.00 0.51 15.26
CA LYS C 224 28.35 1.52 16.26
C LYS C 224 29.86 1.54 16.53
N VAL C 225 30.38 2.72 16.86
CA VAL C 225 31.77 2.89 17.21
C VAL C 225 32.11 2.06 18.45
N GLU C 226 31.17 2.00 19.38
CA GLU C 226 31.34 1.27 20.64
C GLU C 226 31.60 -0.22 20.39
N GLU C 227 31.03 -0.75 19.31
CA GLU C 227 31.13 -2.16 19.00
C GLU C 227 32.48 -2.52 18.37
N VAL C 228 32.95 -1.65 17.47
CA VAL C 228 34.26 -1.83 16.86
C VAL C 228 35.36 -1.59 17.88
N GLN C 229 35.13 -0.62 18.78
CA GLN C 229 36.09 -0.28 19.81
C GLN C 229 36.24 -1.42 20.81
N GLU C 230 35.19 -2.20 20.98
CA GLU C 230 35.22 -3.38 21.84
C GLU C 230 36.18 -4.42 21.27
N PHE C 231 36.11 -4.61 19.96
CA PHE C 231 37.02 -5.50 19.25
C PHE C 231 38.45 -5.03 19.43
N TYR C 232 38.64 -3.72 19.34
CA TYR C 232 39.96 -3.11 19.47
C TYR C 232 40.59 -3.38 20.83
N GLU C 233 39.86 -3.10 21.90
CA GLU C 233 40.39 -3.22 23.25
C GLU C 233 40.61 -4.68 23.63
N ARG C 234 39.75 -5.57 23.14
CA ARG C 234 39.88 -6.99 23.44
C ARG C 234 41.10 -7.62 22.75
N ASN C 235 41.29 -7.28 21.48
CA ASN C 235 42.40 -7.81 20.71
C ASN C 235 43.71 -7.16 21.12
N LYS C 236 43.63 -6.05 21.85
CA LYS C 236 44.80 -5.25 22.17
C LYS C 236 45.78 -5.88 23.18
N HIS C 237 45.34 -6.84 23.97
CA HIS C 237 46.32 -7.50 24.86
C HIS C 237 46.55 -8.96 24.50
N VAL C 238 46.49 -9.25 23.21
CA VAL C 238 47.19 -10.40 22.63
C VAL C 238 47.94 -9.91 21.39
N ASN C 239 47.54 -8.74 20.90
CA ASN C 239 48.14 -8.15 19.72
C ASN C 239 48.47 -6.67 19.93
N PRO C 240 49.76 -6.33 19.96
CA PRO C 240 50.23 -4.96 20.20
C PRO C 240 50.14 -4.08 18.96
N ASN C 241 49.88 -4.67 17.80
CA ASN C 241 49.88 -3.93 16.55
C ASN C 241 48.49 -3.80 15.92
N VAL C 242 47.46 -3.69 16.76
CA VAL C 242 46.12 -3.45 16.27
C VAL C 242 45.79 -1.96 16.45
N GLU C 243 45.23 -1.35 15.40
CA GLU C 243 44.93 0.07 15.42
C GLU C 243 43.44 0.33 15.24
N LEU C 244 42.99 1.46 15.76
CA LEU C 244 41.60 1.89 15.60
C LEU C 244 41.53 3.33 15.11
N TRP C 245 40.71 3.57 14.09
CA TRP C 245 40.52 4.92 13.56
C TRP C 245 39.05 5.25 13.48
N VAL C 246 38.59 6.09 14.41
CA VAL C 246 37.19 6.53 14.41
C VAL C 246 37.04 7.77 13.55
N THR C 247 36.20 7.68 12.52
CA THR C 247 36.00 8.79 11.59
C THR C 247 34.63 9.41 11.74
N ASP C 248 34.39 10.49 11.00
CA ASP C 248 33.11 11.17 11.01
C ASP C 248 32.42 10.97 9.66
N ALA C 249 32.33 9.71 9.24
CA ALA C 249 31.76 9.36 7.95
C ALA C 249 30.74 8.24 8.08
N PRO C 250 29.80 8.15 7.13
CA PRO C 250 28.84 7.04 7.12
C PRO C 250 29.49 5.69 6.83
N HIS C 251 28.67 4.68 6.59
CA HIS C 251 29.14 3.32 6.33
C HIS C 251 30.07 3.29 5.12
N VAL C 252 31.23 2.66 5.31
CA VAL C 252 32.31 2.54 4.30
C VAL C 252 32.51 3.77 3.40
N ARG C 253 32.24 4.96 3.94
CA ARG C 253 32.31 6.19 3.14
C ARG C 253 33.55 7.03 3.44
N THR C 254 34.34 6.61 4.43
CA THR C 254 35.53 7.35 4.83
C THR C 254 36.49 7.57 3.67
N ILE C 255 36.65 6.55 2.83
CA ILE C 255 37.56 6.63 1.70
C ILE C 255 37.07 7.62 0.65
N GLN C 256 35.78 7.97 0.71
CA GLN C 256 35.20 8.90 -0.25
C GLN C 256 35.05 10.30 0.33
N VAL C 257 34.63 10.37 1.59
CA VAL C 257 34.45 11.65 2.27
C VAL C 257 35.80 12.28 2.63
N PHE C 258 36.70 11.48 3.19
CA PHE C 258 38.04 11.95 3.51
C PHE C 258 39.09 11.15 2.76
N PRO C 259 39.23 11.39 1.45
CA PRO C 259 40.10 10.58 0.59
C PRO C 259 41.58 10.64 0.98
N GLU C 260 42.11 11.85 1.19
CA GLU C 260 43.53 12.00 1.46
C GLU C 260 43.89 11.57 2.89
N GLU C 261 42.95 11.67 3.81
CA GLU C 261 43.16 11.17 5.17
C GLU C 261 43.23 9.65 5.17
N TRP C 262 42.29 9.02 4.46
CA TRP C 262 42.22 7.56 4.38
C TRP C 262 43.48 6.98 3.74
N LYS C 263 43.83 7.50 2.57
CA LYS C 263 44.97 7.01 1.81
C LYS C 263 46.29 7.22 2.56
N SER C 264 46.33 8.23 3.42
CA SER C 264 47.54 8.54 4.18
C SER C 264 47.74 7.55 5.34
N ARG C 265 46.68 7.30 6.09
CA ARG C 265 46.77 6.41 7.25
C ARG C 265 46.89 4.94 6.84
N VAL C 266 46.13 4.55 5.83
CA VAL C 266 46.19 3.19 5.31
C VAL C 266 47.53 2.97 4.61
N GLY C 267 47.98 3.98 3.87
CA GLY C 267 49.25 3.91 3.16
C GLY C 267 50.43 3.73 4.11
N GLU C 268 50.41 4.46 5.22
CA GLU C 268 51.48 4.35 6.22
C GLU C 268 51.41 3.02 6.95
N PHE C 269 50.18 2.52 7.15
CA PHE C 269 49.98 1.23 7.81
C PHE C 269 50.57 0.10 6.98
N LEU C 270 50.34 0.14 5.68
CA LEU C 270 50.83 -0.90 4.78
C LEU C 270 52.35 -0.91 4.69
N LYS C 271 52.94 0.25 4.38
CA LYS C 271 54.39 0.36 4.22
C LYS C 271 55.14 -0.11 5.46
N ARG C 272 54.51 0.06 6.62
CA ARG C 272 55.10 -0.36 7.89
C ARG C 272 55.08 -1.87 8.05
N TRP C 273 54.03 -2.52 7.55
CA TRP C 273 53.82 -3.94 7.81
C TRP C 273 53.98 -4.83 6.57
N MET C 274 54.12 -4.22 5.41
CA MET C 274 54.47 -4.98 4.20
C MET C 274 55.99 -5.10 4.11
N GLY C 275 56.60 -5.60 5.18
CA GLY C 275 58.05 -5.68 5.27
C GLY C 275 58.68 -6.57 4.22
N HIS D 6 -20.34 -11.50 -6.11
CA HIS D 6 -20.08 -10.11 -6.47
C HIS D 6 -19.40 -9.26 -5.40
N HIS D 7 -19.36 -7.96 -5.67
CA HIS D 7 -18.55 -7.00 -4.94
C HIS D 7 -19.00 -5.63 -5.43
N GLY D 8 -18.92 -4.60 -4.58
CA GLY D 8 -18.48 -4.73 -3.21
C GLY D 8 -19.40 -3.97 -2.28
N TYR D 9 -20.20 -3.06 -2.84
CA TYR D 9 -21.18 -2.30 -2.08
C TYR D 9 -22.58 -2.44 -2.67
N LYS D 10 -23.53 -2.99 -1.92
CA LYS D 10 -24.92 -2.93 -2.37
C LYS D 10 -25.47 -1.52 -2.15
N MET D 11 -25.23 -0.98 -0.96
CA MET D 11 -25.81 0.31 -0.60
C MET D 11 -24.91 1.09 0.35
N VAL D 12 -24.79 2.40 0.12
CA VAL D 12 -24.07 3.28 1.02
C VAL D 12 -24.95 4.45 1.43
N ASN D 13 -25.17 4.59 2.74
CA ASN D 13 -25.97 5.68 3.27
C ASN D 13 -25.08 6.84 3.73
N PRO D 14 -25.59 8.07 3.64
CA PRO D 14 -24.83 9.26 4.05
C PRO D 14 -24.45 9.24 5.54
N PRO D 15 -23.38 9.95 5.90
CA PRO D 15 -22.96 10.03 7.31
C PRO D 15 -23.90 10.89 8.15
N ARG D 16 -23.90 10.68 9.45
CA ARG D 16 -24.68 11.51 10.36
C ARG D 16 -23.77 12.43 11.15
N VAL D 17 -23.97 13.74 11.01
CA VAL D 17 -23.18 14.72 11.72
C VAL D 17 -24.07 15.65 12.53
N VAL D 18 -23.88 15.66 13.85
CA VAL D 18 -24.62 16.55 14.72
C VAL D 18 -23.67 17.39 15.56
N GLY D 19 -23.69 18.70 15.31
CA GLY D 19 -22.84 19.62 16.04
C GLY D 19 -23.37 19.95 17.42
N ASN D 20 -22.62 20.75 18.17
CA ASN D 20 -23.00 21.13 19.52
C ASN D 20 -23.80 22.42 19.58
N TRP D 21 -23.53 23.33 18.65
CA TRP D 21 -24.13 24.66 18.71
C TRP D 21 -25.61 24.66 18.36
N THR D 22 -26.33 25.61 18.95
CA THR D 22 -27.75 25.79 18.72
C THR D 22 -28.01 27.24 18.32
N PRO D 23 -29.19 27.54 17.75
CA PRO D 23 -29.51 28.92 17.36
C PRO D 23 -29.37 29.96 18.49
N LYS D 24 -29.48 29.55 19.75
CA LYS D 24 -29.39 30.51 20.84
C LYS D 24 -27.94 30.73 21.26
N ASP D 25 -27.03 29.96 20.69
CA ASP D 25 -25.61 30.26 20.78
C ASP D 25 -25.31 31.46 19.89
N LEU D 26 -26.25 31.75 19.00
CA LEU D 26 -26.18 32.93 18.15
C LEU D 26 -27.12 33.99 18.72
N SER D 27 -27.48 33.79 20.00
CA SER D 27 -28.40 34.68 20.71
C SER D 27 -29.75 34.78 20.01
N PHE D 28 -30.36 33.63 19.76
CA PHE D 28 -31.68 33.54 19.12
C PHE D 28 -32.43 32.29 19.59
N GLU D 29 -33.46 32.47 20.39
CA GLU D 29 -34.24 31.31 20.86
C GLU D 29 -35.02 30.69 19.71
N TYR D 30 -35.25 29.39 19.80
CA TYR D 30 -35.75 28.60 18.68
C TYR D 30 -36.68 27.49 19.11
N LYS D 31 -37.08 26.65 18.17
CA LYS D 31 -37.88 25.46 18.46
C LYS D 31 -37.34 24.25 17.71
N ASP D 32 -37.30 23.10 18.39
CA ASP D 32 -36.96 21.84 17.74
C ASP D 32 -38.23 21.26 17.12
N VAL D 33 -38.23 21.14 15.79
CA VAL D 33 -39.41 20.68 15.08
C VAL D 33 -39.18 19.37 14.33
N GLU D 34 -40.29 18.74 13.93
CA GLU D 34 -40.23 17.53 13.13
C GLU D 34 -41.07 17.72 11.88
N ILE D 35 -40.51 17.37 10.72
CA ILE D 35 -41.20 17.53 9.45
C ILE D 35 -41.37 16.20 8.74
N THR D 36 -42.62 15.82 8.51
CA THR D 36 -42.93 14.57 7.83
C THR D 36 -43.12 14.79 6.34
N THR D 37 -42.35 14.07 5.53
CA THR D 37 -42.44 14.19 4.08
C THR D 37 -43.64 13.44 3.53
N GLU D 38 -43.87 13.55 2.23
CA GLU D 38 -45.01 12.91 1.59
C GLU D 38 -44.85 11.39 1.52
N ASP D 39 -43.59 10.93 1.52
CA ASP D 39 -43.33 9.50 1.57
C ASP D 39 -43.08 9.07 3.01
N ASN D 40 -43.64 9.83 3.94
CA ASN D 40 -43.62 9.52 5.37
C ASN D 40 -42.22 9.36 5.95
N VAL D 41 -41.41 10.40 5.84
CA VAL D 41 -40.08 10.42 6.45
C VAL D 41 -40.00 11.55 7.47
N LYS D 42 -39.56 11.22 8.68
CA LYS D 42 -39.48 12.20 9.76
C LYS D 42 -38.17 12.98 9.74
N LEU D 43 -38.24 14.23 9.26
CA LEU D 43 -37.07 15.09 9.24
C LEU D 43 -36.94 15.87 10.55
N SER D 44 -35.70 16.21 10.91
CA SER D 44 -35.46 17.03 12.10
C SER D 44 -34.91 18.39 11.70
N GLY D 45 -35.39 19.44 12.33
CA GLY D 45 -34.95 20.78 12.00
C GLY D 45 -35.22 21.83 13.06
N TRP D 46 -34.73 23.04 12.80
CA TRP D 46 -34.97 24.18 13.69
C TRP D 46 -35.95 25.16 13.06
N TRP D 47 -36.91 25.60 13.84
CA TRP D 47 -37.75 26.72 13.43
C TRP D 47 -37.38 27.94 14.25
N ILE D 48 -36.88 28.97 13.58
CA ILE D 48 -36.46 30.19 14.27
C ILE D 48 -37.35 31.36 13.88
N ASP D 49 -38.35 31.61 14.71
CA ASP D 49 -39.25 32.75 14.50
C ASP D 49 -38.53 34.04 14.84
N ASN D 50 -38.34 34.90 13.84
CA ASN D 50 -37.62 36.15 14.03
C ASN D 50 -38.55 37.35 13.91
N GLY D 51 -39.84 37.11 14.10
CA GLY D 51 -40.83 38.17 14.04
C GLY D 51 -41.16 38.64 12.64
N SER D 52 -40.50 38.04 11.65
CA SER D 52 -40.70 38.42 10.26
C SER D 52 -41.82 37.63 9.60
N ASP D 53 -42.23 38.08 8.41
CA ASP D 53 -43.25 37.39 7.64
C ASP D 53 -42.60 36.63 6.49
N LYS D 54 -41.27 36.64 6.47
CA LYS D 54 -40.51 36.00 5.41
C LYS D 54 -39.56 34.96 5.98
N THR D 55 -39.42 33.84 5.28
CA THR D 55 -38.56 32.76 5.74
C THR D 55 -37.57 32.34 4.67
N VAL D 56 -36.31 32.14 5.06
CA VAL D 56 -35.30 31.63 4.15
C VAL D 56 -34.87 30.24 4.61
N ILE D 57 -34.78 29.30 3.66
CA ILE D 57 -34.39 27.93 3.97
C ILE D 57 -33.01 27.59 3.42
N PRO D 58 -32.02 27.44 4.32
CA PRO D 58 -30.67 27.05 3.92
C PRO D 58 -30.54 25.53 3.71
N LEU D 59 -29.97 25.15 2.57
CA LEU D 59 -29.79 23.74 2.25
C LEU D 59 -28.31 23.34 2.30
N HIS D 60 -28.01 22.32 3.09
CA HIS D 60 -26.62 21.93 3.34
C HIS D 60 -26.10 20.93 2.31
N GLY D 61 -24.83 20.56 2.46
CA GLY D 61 -24.19 19.62 1.56
C GLY D 61 -24.65 18.19 1.78
N TYR D 62 -24.13 17.27 0.97
CA TYR D 62 -24.61 15.89 1.00
C TYR D 62 -23.84 15.02 1.98
N THR D 63 -22.76 15.55 2.55
CA THR D 63 -21.99 14.81 3.55
C THR D 63 -22.04 15.50 4.91
N SER D 64 -22.94 16.46 5.04
CA SER D 64 -23.02 17.25 6.26
C SER D 64 -24.44 17.34 6.81
N SER D 65 -24.72 18.43 7.52
CA SER D 65 -26.03 18.67 8.11
C SER D 65 -26.24 20.16 8.33
N ARG D 66 -27.22 20.50 9.17
CA ARG D 66 -27.52 21.90 9.47
C ARG D 66 -26.44 22.52 10.36
N TRP D 67 -25.57 21.67 10.90
CA TRP D 67 -24.54 22.11 11.83
C TRP D 67 -23.19 22.42 11.17
N ALA D 68 -23.17 22.44 9.85
CA ALA D 68 -21.91 22.67 9.12
C ALA D 68 -21.26 23.98 9.52
N GLU D 69 -20.11 23.89 10.16
CA GLU D 69 -19.43 25.05 10.73
C GLU D 69 -18.86 25.99 9.68
N HIS D 70 -18.71 25.52 8.45
CA HIS D 70 -18.03 26.30 7.42
C HIS D 70 -18.95 27.04 6.46
N TYR D 71 -20.26 26.81 6.56
CA TYR D 71 -21.20 27.57 5.73
C TYR D 71 -22.61 27.63 6.30
N MET D 72 -23.01 26.61 7.06
CA MET D 72 -24.36 26.59 7.61
C MET D 72 -24.51 27.52 8.80
N ARG D 73 -23.54 27.49 9.71
CA ARG D 73 -23.56 28.40 10.86
C ARG D 73 -23.40 29.87 10.45
N PRO D 74 -22.49 30.17 9.49
CA PRO D 74 -22.44 31.57 9.05
C PRO D 74 -23.71 32.06 8.34
N VAL D 75 -24.30 31.23 7.49
CA VAL D 75 -25.44 31.66 6.68
C VAL D 75 -26.70 31.86 7.53
N ILE D 76 -26.81 31.12 8.64
CA ILE D 76 -27.97 31.25 9.51
C ILE D 76 -27.87 32.53 10.33
N GLU D 77 -26.68 32.79 10.88
CA GLU D 77 -26.43 34.02 11.62
C GLU D 77 -26.66 35.24 10.74
N PHE D 78 -26.27 35.12 9.47
CA PHE D 78 -26.45 36.19 8.50
C PHE D 78 -27.92 36.47 8.24
N LEU D 79 -28.73 35.42 8.13
CA LEU D 79 -30.15 35.56 7.88
C LEU D 79 -30.90 36.08 9.10
N LEU D 80 -30.41 35.72 10.28
CA LEU D 80 -31.04 36.14 11.53
C LEU D 80 -30.75 37.61 11.83
N LYS D 81 -29.59 38.10 11.42
CA LYS D 81 -29.22 39.49 11.65
C LYS D 81 -29.87 40.42 10.64
N GLU D 82 -30.30 39.87 9.51
CA GLU D 82 -30.98 40.67 8.49
C GLU D 82 -32.50 40.62 8.67
N GLY D 83 -32.96 39.85 9.65
CA GLY D 83 -34.36 39.87 10.04
C GLY D 83 -35.20 38.67 9.63
N TYR D 84 -34.73 37.90 8.65
CA TYR D 84 -35.50 36.78 8.13
C TYR D 84 -35.76 35.69 9.15
N ASN D 85 -36.92 35.04 9.06
CA ASN D 85 -37.17 33.81 9.77
C ASN D 85 -36.34 32.70 9.14
N VAL D 86 -35.96 31.71 9.93
CA VAL D 86 -35.13 30.62 9.41
C VAL D 86 -35.69 29.24 9.74
N LEU D 87 -35.87 28.43 8.69
CA LEU D 87 -36.17 27.02 8.86
C LEU D 87 -35.01 26.20 8.30
N ALA D 88 -34.24 25.59 9.19
CA ALA D 88 -33.09 24.79 8.78
C ALA D 88 -33.26 23.34 9.22
N PHE D 89 -33.38 22.44 8.25
CA PHE D 89 -33.57 21.03 8.54
C PHE D 89 -32.47 20.18 7.93
N ASP D 90 -32.19 19.04 8.55
CA ASP D 90 -31.29 18.06 7.96
C ASP D 90 -32.02 17.31 6.87
N PHE D 91 -31.34 17.10 5.74
CA PHE D 91 -31.89 16.24 4.69
C PHE D 91 -32.03 14.82 5.24
N ARG D 92 -32.87 14.01 4.60
CA ARG D 92 -33.13 12.66 5.08
C ARG D 92 -31.85 11.84 5.19
N ALA D 93 -31.78 11.02 6.23
CA ALA D 93 -30.60 10.19 6.54
C ALA D 93 -29.37 11.03 6.87
N HIS D 94 -29.56 12.33 7.05
CA HIS D 94 -28.49 13.22 7.53
C HIS D 94 -28.82 13.74 8.92
N GLY D 95 -27.79 14.08 9.69
CA GLY D 95 -27.96 14.65 11.01
C GLY D 95 -28.86 13.84 11.92
N LYS D 96 -29.99 14.44 12.31
CA LYS D 96 -30.95 13.78 13.18
C LYS D 96 -32.16 13.25 12.39
N SER D 97 -32.23 13.63 11.11
CA SER D 97 -33.36 13.25 10.27
C SER D 97 -33.38 11.74 10.04
N GLY D 98 -34.58 11.17 10.08
CA GLY D 98 -34.76 9.78 9.75
C GLY D 98 -34.73 9.60 8.25
N GLY D 99 -34.84 8.36 7.78
CA GLY D 99 -34.85 8.11 6.35
C GLY D 99 -34.92 6.64 6.00
N LYS D 100 -35.30 6.36 4.76
CA LYS D 100 -35.38 4.99 4.27
C LYS D 100 -33.97 4.41 4.18
N TYR D 101 -33.88 3.09 4.32
CA TYR D 101 -32.58 2.40 4.34
C TYR D 101 -31.90 2.39 2.96
N THR D 102 -32.53 3.03 1.98
CA THR D 102 -31.91 3.19 0.68
C THR D 102 -32.06 4.66 0.27
N THR D 103 -31.00 5.43 0.52
CA THR D 103 -31.01 6.87 0.29
C THR D 103 -29.78 7.33 -0.48
N VAL D 104 -30.00 7.95 -1.63
CA VAL D 104 -28.92 8.60 -2.36
C VAL D 104 -29.48 10.02 -2.63
N GLY D 105 -28.85 10.81 -3.50
CA GLY D 105 -29.34 12.14 -3.81
C GLY D 105 -30.42 12.11 -4.87
N ASP D 106 -31.61 11.68 -4.47
CA ASP D 106 -32.76 11.63 -5.37
C ASP D 106 -34.01 12.17 -4.69
N LYS D 107 -34.14 11.87 -3.41
CA LYS D 107 -35.33 12.20 -2.63
C LYS D 107 -35.18 13.52 -1.88
N GLU D 108 -34.18 14.30 -2.27
CA GLU D 108 -33.86 15.55 -1.57
C GLU D 108 -34.92 16.61 -1.82
N ILE D 109 -35.53 16.58 -3.00
CA ILE D 109 -36.55 17.55 -3.37
C ILE D 109 -37.82 17.35 -2.55
N LEU D 110 -38.07 16.11 -2.12
CA LEU D 110 -39.23 15.80 -1.29
C LEU D 110 -39.07 16.44 0.10
N ASP D 111 -37.84 16.49 0.58
CA ASP D 111 -37.54 17.11 1.86
C ASP D 111 -37.79 18.61 1.82
N LEU D 112 -37.51 19.22 0.67
CA LEU D 112 -37.70 20.65 0.50
C LEU D 112 -39.17 20.99 0.37
N LYS D 113 -39.91 20.17 -0.38
CA LYS D 113 -41.35 20.35 -0.52
C LYS D 113 -42.04 20.17 0.83
N ALA D 114 -41.52 19.25 1.63
CA ALA D 114 -42.06 19.00 2.97
C ALA D 114 -41.78 20.18 3.90
N GLY D 115 -40.66 20.85 3.67
CA GLY D 115 -40.29 22.01 4.47
C GLY D 115 -41.18 23.20 4.15
N VAL D 116 -41.42 23.42 2.86
CA VAL D 116 -42.31 24.48 2.42
C VAL D 116 -43.72 24.22 2.92
N LYS D 117 -44.16 22.98 2.77
CA LYS D 117 -45.47 22.54 3.23
C LYS D 117 -45.64 22.79 4.72
N TRP D 118 -44.60 22.49 5.48
CA TRP D 118 -44.63 22.67 6.93
C TRP D 118 -44.75 24.13 7.31
N LEU D 119 -44.13 25.01 6.52
CA LEU D 119 -44.21 26.44 6.75
C LEU D 119 -45.62 26.96 6.49
N LYS D 120 -46.23 26.49 5.41
CA LYS D 120 -47.56 26.95 5.01
C LYS D 120 -48.66 26.40 5.92
N ASP D 121 -48.35 25.32 6.65
CA ASP D 121 -49.33 24.68 7.52
C ASP D 121 -49.30 25.21 8.96
N ASN D 122 -48.10 25.53 9.44
CA ASN D 122 -47.94 25.93 10.82
C ASN D 122 -47.75 27.43 11.01
N TYR D 123 -47.03 28.06 10.09
CA TYR D 123 -46.80 29.51 10.16
C TYR D 123 -46.86 30.17 8.80
N PRO D 124 -48.04 30.17 8.15
CA PRO D 124 -48.16 30.77 6.81
C PRO D 124 -47.98 32.28 6.85
N GLU D 125 -48.26 32.90 7.99
CA GLU D 125 -48.10 34.34 8.14
C GLU D 125 -46.64 34.70 8.34
N LYS D 126 -45.83 33.70 8.68
CA LYS D 126 -44.40 33.90 8.90
C LYS D 126 -43.60 33.53 7.65
N SER D 127 -44.31 33.07 6.62
CA SER D 127 -43.64 32.62 5.40
C SER D 127 -44.39 33.07 4.14
N LYS D 128 -44.80 34.34 4.12
CA LYS D 128 -45.45 34.91 2.95
C LYS D 128 -44.48 34.93 1.77
N ARG D 129 -43.21 35.12 2.09
CA ARG D 129 -42.14 35.02 1.10
C ARG D 129 -41.16 33.92 1.51
N ILE D 130 -40.83 33.05 0.57
CA ILE D 130 -39.91 31.95 0.86
C ILE D 130 -38.74 31.92 -0.11
N GLY D 131 -37.53 31.97 0.42
CA GLY D 131 -36.33 31.89 -0.38
C GLY D 131 -35.46 30.72 0.05
N VAL D 132 -34.61 30.24 -0.85
CA VAL D 132 -33.74 29.12 -0.53
C VAL D 132 -32.28 29.42 -0.83
N ILE D 133 -31.40 28.96 0.06
CA ILE D 133 -29.97 29.08 -0.15
C ILE D 133 -29.31 27.71 -0.05
N GLY D 134 -28.79 27.22 -1.18
CA GLY D 134 -28.18 25.91 -1.22
C GLY D 134 -26.68 25.96 -1.41
N PHE D 135 -25.98 24.99 -0.84
CA PHE D 135 -24.53 24.88 -0.97
C PHE D 135 -24.15 23.54 -1.59
N SER D 136 -23.23 23.59 -2.55
CA SER D 136 -22.75 22.40 -3.26
C SER D 136 -23.90 21.59 -3.86
N MET D 137 -24.11 20.38 -3.35
CA MET D 137 -25.22 19.56 -3.82
C MET D 137 -26.55 20.10 -3.33
N GLY D 138 -26.52 20.83 -2.22
CA GLY D 138 -27.71 21.48 -1.71
C GLY D 138 -28.12 22.65 -2.59
N ALA D 139 -27.16 23.15 -3.37
CA ALA D 139 -27.44 24.21 -4.33
C ALA D 139 -28.23 23.66 -5.51
N LEU D 140 -28.04 22.38 -5.80
CA LEU D 140 -28.80 21.72 -6.86
C LEU D 140 -30.24 21.51 -6.43
N VAL D 141 -30.43 21.23 -5.14
CA VAL D 141 -31.77 21.09 -4.58
C VAL D 141 -32.50 22.43 -4.61
N ALA D 142 -31.76 23.49 -4.31
CA ALA D 142 -32.31 24.85 -4.35
C ALA D 142 -32.69 25.24 -5.77
N ILE D 143 -31.82 24.92 -6.72
CA ILE D 143 -32.08 25.18 -8.13
C ILE D 143 -33.31 24.40 -8.62
N ARG D 144 -33.35 23.12 -8.28
CA ARG D 144 -34.49 22.27 -8.65
C ARG D 144 -35.77 22.73 -7.96
N GLY D 145 -35.63 23.15 -6.70
CA GLY D 145 -36.77 23.62 -5.94
C GLY D 145 -37.33 24.93 -6.49
N LEU D 146 -36.47 25.75 -7.06
CA LEU D 146 -36.89 27.02 -7.63
C LEU D 146 -37.71 26.80 -8.89
N SER D 147 -37.52 25.65 -9.52
CA SER D 147 -38.19 25.34 -10.78
C SER D 147 -39.49 24.55 -10.59
N GLU D 148 -39.61 23.88 -9.45
CA GLU D 148 -40.75 22.99 -9.22
C GLU D 148 -41.64 23.44 -8.08
N VAL D 149 -41.03 23.93 -7.00
CA VAL D 149 -41.81 24.39 -5.84
C VAL D 149 -42.33 25.80 -6.08
N LYS D 150 -43.64 25.93 -6.16
CA LYS D 150 -44.31 27.19 -6.48
C LYS D 150 -44.09 28.27 -5.42
N GLU D 151 -44.09 27.87 -4.14
CA GLU D 151 -44.03 28.83 -3.04
C GLU D 151 -42.65 29.44 -2.81
N ILE D 152 -41.68 29.06 -3.62
CA ILE D 152 -40.33 29.62 -3.53
C ILE D 152 -40.15 30.75 -4.53
N CYS D 153 -39.95 31.96 -4.03
CA CYS D 153 -39.86 33.13 -4.89
C CYS D 153 -38.47 33.32 -5.51
N CYS D 154 -37.43 33.20 -4.68
CA CYS D 154 -36.06 33.34 -5.16
C CYS D 154 -35.14 32.29 -4.54
N GLY D 155 -33.99 32.09 -5.16
CA GLY D 155 -33.04 31.09 -4.68
C GLY D 155 -31.59 31.45 -4.96
N VAL D 156 -30.72 31.11 -4.02
CA VAL D 156 -29.28 31.34 -4.17
C VAL D 156 -28.52 30.03 -4.18
N ALA D 157 -27.78 29.78 -5.26
CA ALA D 157 -27.03 28.54 -5.41
C ALA D 157 -25.52 28.79 -5.36
N ASP D 158 -24.89 28.39 -4.26
CA ASP D 158 -23.46 28.57 -4.08
C ASP D 158 -22.71 27.31 -4.51
N SER D 159 -21.89 27.45 -5.55
CA SER D 159 -21.08 26.36 -6.10
C SER D 159 -21.89 25.11 -6.46
N PRO D 160 -22.80 25.23 -7.45
CA PRO D 160 -23.54 24.04 -7.86
C PRO D 160 -22.80 23.22 -8.91
N PRO D 161 -22.58 21.92 -8.64
CA PRO D 161 -21.98 21.03 -9.63
C PRO D 161 -22.83 20.94 -10.89
N ILE D 162 -22.28 21.37 -12.02
CA ILE D 162 -23.02 21.39 -13.28
C ILE D 162 -22.82 20.09 -14.04
N TYR D 163 -21.57 19.65 -14.12
CA TYR D 163 -21.24 18.37 -14.74
C TYR D 163 -20.80 17.38 -13.67
N LEU D 164 -21.75 16.62 -13.14
CA LEU D 164 -21.50 15.69 -12.05
C LEU D 164 -20.48 14.61 -12.44
N ASP D 165 -20.43 14.29 -13.73
CA ASP D 165 -19.46 13.33 -14.24
C ASP D 165 -18.04 13.87 -14.08
N LYS D 166 -17.85 15.14 -14.41
CA LYS D 166 -16.54 15.78 -14.34
C LYS D 166 -16.16 16.09 -12.90
N THR D 167 -17.14 16.49 -12.09
CA THR D 167 -16.91 16.82 -10.70
C THR D 167 -16.42 15.61 -9.91
N GLY D 168 -17.05 14.46 -10.16
CA GLY D 168 -16.67 13.22 -9.51
C GLY D 168 -15.29 12.75 -9.92
N ALA D 169 -14.93 13.01 -11.18
CA ALA D 169 -13.61 12.63 -11.69
C ALA D 169 -12.52 13.48 -11.06
N ARG D 170 -12.83 14.74 -10.80
CA ARG D 170 -11.89 15.65 -10.16
C ARG D 170 -11.69 15.27 -8.70
N GLY D 171 -12.76 14.84 -8.04
CA GLY D 171 -12.69 14.39 -6.67
C GLY D 171 -11.81 13.15 -6.54
N MET D 172 -11.87 12.29 -7.54
CA MET D 172 -11.08 11.06 -7.55
C MET D 172 -9.58 11.33 -7.55
N LYS D 173 -9.16 12.34 -8.31
CA LYS D 173 -7.76 12.68 -8.41
C LYS D 173 -7.17 13.09 -7.06
N TYR D 174 -8.01 13.64 -6.20
CA TYR D 174 -7.59 14.03 -4.86
C TYR D 174 -7.70 12.89 -3.86
N PHE D 175 -8.67 12.00 -4.08
CA PHE D 175 -8.78 10.79 -3.28
C PHE D 175 -7.59 9.89 -3.52
N ALA D 176 -7.06 9.92 -4.74
CA ALA D 176 -5.94 9.07 -5.13
C ALA D 176 -4.64 9.48 -4.46
N LYS D 177 -4.63 10.67 -3.85
CA LYS D 177 -3.45 11.15 -3.15
C LYS D 177 -3.30 10.48 -1.79
N LEU D 178 -4.34 9.78 -1.37
CA LEU D 178 -4.32 9.02 -0.13
C LEU D 178 -3.75 7.62 -0.36
N PRO D 179 -2.99 7.10 0.62
CA PRO D 179 -2.53 5.71 0.55
C PRO D 179 -3.73 4.77 0.49
N GLU D 180 -3.59 3.67 -0.24
CA GLU D 180 -4.69 2.73 -0.44
C GLU D 180 -5.29 2.24 0.87
N TRP D 181 -4.42 1.96 1.84
CA TRP D 181 -4.86 1.42 3.12
C TRP D 181 -5.61 2.44 3.96
N LEU D 182 -5.63 3.70 3.52
CA LEU D 182 -6.31 4.76 4.23
C LEU D 182 -7.55 5.22 3.47
N TYR D 183 -7.52 5.06 2.15
CA TYR D 183 -8.66 5.44 1.31
C TYR D 183 -9.86 4.54 1.58
N SER D 184 -9.59 3.33 2.06
CA SER D 184 -10.63 2.37 2.40
C SER D 184 -11.51 2.90 3.53
N PHE D 185 -10.96 3.80 4.34
CA PHE D 185 -11.72 4.44 5.41
C PHE D 185 -12.76 5.41 4.86
N VAL D 186 -12.38 6.15 3.82
CA VAL D 186 -13.24 7.20 3.28
C VAL D 186 -13.84 6.83 1.91
N LYS D 187 -13.55 5.62 1.45
CA LYS D 187 -14.12 5.11 0.20
C LYS D 187 -15.66 5.17 0.14
N PRO D 188 -16.36 4.89 1.27
CA PRO D 188 -17.82 5.07 1.23
C PRO D 188 -18.27 6.46 0.79
N PHE D 189 -17.53 7.49 1.16
CA PHE D 189 -17.84 8.86 0.75
C PHE D 189 -17.83 8.98 -0.78
N SER D 190 -16.84 8.34 -1.40
CA SER D 190 -16.69 8.37 -2.84
C SER D 190 -17.87 7.71 -3.56
N GLU D 191 -18.29 6.56 -3.05
CA GLU D 191 -19.36 5.80 -3.67
C GLU D 191 -20.72 6.44 -3.39
N LEU D 192 -20.74 7.32 -2.39
CA LEU D 192 -21.95 8.02 -2.00
C LEU D 192 -22.40 9.02 -3.06
N PHE D 193 -21.43 9.51 -3.84
CA PHE D 193 -21.72 10.48 -4.89
C PHE D 193 -21.89 9.79 -6.25
N SER D 194 -21.73 8.48 -6.27
CA SER D 194 -21.80 7.72 -7.51
C SER D 194 -23.16 7.05 -7.71
N GLY D 195 -24.10 7.37 -6.85
CA GLY D 195 -25.43 6.79 -6.92
C GLY D 195 -26.40 7.64 -7.74
N PRO D 198 -28.26 9.53 -13.83
CA PRO D 198 -28.94 10.12 -12.69
C PRO D 198 -29.36 11.57 -12.93
N ILE D 199 -29.01 12.45 -11.99
CA ILE D 199 -29.36 13.87 -12.06
C ILE D 199 -28.46 14.53 -13.09
N ASN D 200 -28.92 15.67 -13.63
CA ASN D 200 -28.39 16.17 -14.87
C ASN D 200 -28.80 17.60 -14.65
N VAL D 201 -27.88 18.55 -14.75
CA VAL D 201 -28.18 19.87 -14.22
C VAL D 201 -28.72 20.88 -15.22
N LEU D 202 -28.27 20.77 -16.46
CA LEU D 202 -28.65 21.74 -17.47
C LEU D 202 -30.10 21.67 -17.95
N ASN D 203 -31.02 20.93 -17.33
CA ASN D 203 -32.36 20.98 -17.95
C ASN D 203 -33.05 22.20 -17.39
N TYR D 204 -32.59 22.64 -16.23
CA TYR D 204 -33.28 23.71 -15.52
C TYR D 204 -32.88 25.07 -16.06
N THR D 205 -32.21 25.09 -17.21
CA THR D 205 -31.80 26.35 -17.83
C THR D 205 -32.96 27.02 -18.54
N ASN D 206 -33.92 26.23 -19.00
CA ASN D 206 -35.12 26.75 -19.65
C ASN D 206 -36.37 26.50 -18.83
N SER D 207 -36.19 25.95 -17.64
CA SER D 207 -37.31 25.69 -16.74
C SER D 207 -37.45 26.79 -15.70
N ILE D 208 -36.33 27.38 -15.30
CA ILE D 208 -36.32 28.42 -14.28
C ILE D 208 -36.63 29.79 -14.86
N LYS D 209 -37.66 30.42 -14.30
CA LYS D 209 -38.07 31.75 -14.74
C LYS D 209 -38.13 32.71 -13.55
N LYS D 210 -37.51 32.31 -12.45
CA LYS D 210 -37.52 33.10 -11.22
C LYS D 210 -36.12 33.60 -10.88
N PRO D 211 -36.03 34.65 -10.03
CA PRO D 211 -34.73 35.20 -9.60
C PRO D 211 -33.78 34.13 -9.06
N LEU D 212 -32.55 34.12 -9.58
CA LEU D 212 -31.55 33.13 -9.18
C LEU D 212 -30.16 33.75 -9.09
N PHE D 213 -29.49 33.51 -7.96
CA PHE D 213 -28.14 34.03 -7.76
C PHE D 213 -27.11 32.89 -7.75
N LEU D 214 -26.30 32.85 -8.79
CA LEU D 214 -25.25 31.83 -8.90
C LEU D 214 -23.92 32.35 -8.36
N ILE D 215 -23.26 31.54 -7.54
CA ILE D 215 -21.98 31.91 -6.96
C ILE D 215 -20.95 30.81 -7.17
N ILE D 216 -19.89 31.13 -7.91
CA ILE D 216 -18.84 30.15 -8.20
C ILE D 216 -17.45 30.72 -7.96
N GLY D 217 -16.61 29.95 -7.26
CA GLY D 217 -15.26 30.37 -6.96
C GLY D 217 -14.27 30.00 -8.03
N ARG D 218 -13.20 30.78 -8.14
CA ARG D 218 -12.19 30.57 -9.16
C ARG D 218 -11.19 29.50 -8.73
N ARG D 219 -11.14 29.22 -7.44
CA ARG D 219 -10.22 28.22 -6.90
C ARG D 219 -10.91 26.89 -6.64
N ASP D 220 -12.17 26.78 -7.07
CA ASP D 220 -12.94 25.56 -6.87
C ASP D 220 -12.34 24.40 -7.67
N THR D 221 -11.84 23.39 -6.95
CA THR D 221 -11.19 22.25 -7.58
C THR D 221 -12.19 21.25 -8.15
N LEU D 222 -13.46 21.42 -7.79
CA LEU D 222 -14.49 20.47 -8.20
C LEU D 222 -15.37 20.99 -9.33
N VAL D 223 -15.67 22.29 -9.30
CA VAL D 223 -16.54 22.89 -10.30
C VAL D 223 -15.89 24.07 -10.99
N LYS D 224 -15.73 23.97 -12.32
CA LYS D 224 -15.17 25.06 -13.11
C LYS D 224 -16.15 26.22 -13.24
N VAL D 225 -15.62 27.43 -13.38
CA VAL D 225 -16.48 28.60 -13.53
C VAL D 225 -17.08 28.67 -14.92
N GLU D 226 -16.47 27.95 -15.86
CA GLU D 226 -16.97 27.92 -17.23
C GLU D 226 -18.26 27.09 -17.31
N GLU D 227 -18.37 26.11 -16.42
CA GLU D 227 -19.55 25.26 -16.37
C GLU D 227 -20.73 25.98 -15.74
N VAL D 228 -20.46 26.73 -14.68
CA VAL D 228 -21.49 27.49 -13.97
C VAL D 228 -22.01 28.63 -14.85
N GLN D 229 -21.10 29.26 -15.57
CA GLN D 229 -21.45 30.36 -16.46
C GLN D 229 -22.24 29.86 -17.66
N GLU D 230 -21.98 28.63 -18.08
CA GLU D 230 -22.72 28.01 -19.17
C GLU D 230 -24.19 27.84 -18.79
N PHE D 231 -24.41 27.40 -17.55
CA PHE D 231 -25.75 27.29 -16.99
C PHE D 231 -26.44 28.64 -17.00
N TYR D 232 -25.62 29.67 -16.85
CA TYR D 232 -26.03 31.02 -16.52
C TYR D 232 -26.47 31.79 -17.77
N GLU D 233 -25.71 31.70 -18.86
CA GLU D 233 -26.04 32.45 -20.07
C GLU D 233 -27.22 31.89 -20.86
N ARG D 234 -27.37 30.58 -20.89
CA ARG D 234 -28.51 29.98 -21.58
C ARG D 234 -29.77 30.10 -20.72
N ASN D 235 -29.58 30.34 -19.42
CA ASN D 235 -30.70 30.61 -18.54
C ASN D 235 -31.11 32.07 -18.62
N LYS D 236 -30.15 32.94 -18.92
CA LYS D 236 -30.45 34.32 -19.26
C LYS D 236 -31.50 34.52 -20.34
N HIS D 237 -31.61 33.56 -21.25
CA HIS D 237 -32.56 33.66 -22.34
C HIS D 237 -34.00 33.67 -21.84
N VAL D 238 -34.33 32.74 -20.95
CA VAL D 238 -35.69 32.63 -20.44
C VAL D 238 -35.83 33.23 -19.04
N ASN D 239 -34.72 33.71 -18.47
CA ASN D 239 -34.75 34.33 -17.15
C ASN D 239 -34.05 35.68 -17.17
N PRO D 240 -34.84 36.77 -17.08
CA PRO D 240 -34.30 38.13 -17.14
C PRO D 240 -33.64 38.58 -15.85
N ASN D 241 -33.78 37.80 -14.78
CA ASN D 241 -33.24 38.19 -13.49
C ASN D 241 -32.41 37.10 -12.82
N VAL D 242 -31.52 36.48 -13.59
CA VAL D 242 -30.57 35.52 -13.03
C VAL D 242 -29.18 36.16 -12.99
N GLU D 243 -28.50 36.04 -11.85
CA GLU D 243 -27.22 36.69 -11.66
C GLU D 243 -26.07 35.69 -11.51
N LEU D 244 -24.85 36.17 -11.76
CA LEU D 244 -23.67 35.34 -11.59
C LEU D 244 -22.55 36.12 -10.89
N TRP D 245 -22.04 35.56 -9.81
CA TRP D 245 -20.94 36.19 -9.07
C TRP D 245 -19.74 35.26 -8.99
N VAL D 246 -18.65 35.65 -9.67
CA VAL D 246 -17.42 34.86 -9.65
C VAL D 246 -16.47 35.39 -8.58
N THR D 247 -16.04 34.49 -7.69
CA THR D 247 -15.14 34.84 -6.61
C THR D 247 -13.81 34.14 -6.77
N ASP D 248 -12.89 34.39 -5.84
CA ASP D 248 -11.58 33.74 -5.86
C ASP D 248 -11.43 32.80 -4.67
N ALA D 249 -12.55 32.21 -4.25
CA ALA D 249 -12.55 31.29 -3.12
C ALA D 249 -12.63 29.84 -3.61
N PRO D 250 -12.26 28.88 -2.76
CA PRO D 250 -12.45 27.47 -3.09
C PRO D 250 -13.92 27.06 -3.11
N HIS D 251 -14.17 25.75 -3.06
CA HIS D 251 -15.53 25.23 -3.05
C HIS D 251 -16.31 25.72 -1.84
N VAL D 252 -17.50 26.28 -2.09
CA VAL D 252 -18.41 26.85 -1.09
C VAL D 252 -17.76 27.59 0.10
N ARG D 253 -16.60 28.18 -0.12
CA ARG D 253 -15.91 28.90 0.96
C ARG D 253 -15.84 30.40 0.74
N THR D 254 -16.76 30.93 -0.06
CA THR D 254 -16.82 32.38 -0.28
C THR D 254 -17.30 33.09 0.97
N ILE D 255 -18.21 32.43 1.69
CA ILE D 255 -18.81 33.01 2.89
C ILE D 255 -17.80 33.05 4.05
N GLN D 256 -16.71 32.30 3.91
CA GLN D 256 -15.68 32.28 4.94
C GLN D 256 -14.51 33.18 4.57
N VAL D 257 -14.03 33.04 3.33
CA VAL D 257 -12.89 33.82 2.85
C VAL D 257 -13.26 35.30 2.68
N PHE D 258 -14.41 35.55 2.07
CA PHE D 258 -14.92 36.90 1.91
C PHE D 258 -16.26 37.06 2.62
N PRO D 259 -16.24 37.08 3.96
CA PRO D 259 -17.46 37.01 4.77
C PRO D 259 -18.25 38.32 4.82
N GLU D 260 -17.84 39.31 4.03
CA GLU D 260 -18.54 40.59 4.03
C GLU D 260 -19.14 40.88 2.66
N GLU D 261 -18.39 40.58 1.60
CA GLU D 261 -18.89 40.74 0.24
C GLU D 261 -20.07 39.80 0.00
N TRP D 262 -19.98 38.61 0.56
CA TRP D 262 -21.03 37.60 0.43
C TRP D 262 -22.31 38.08 1.12
N LYS D 263 -22.17 38.48 2.39
CA LYS D 263 -23.32 38.93 3.18
C LYS D 263 -23.89 40.25 2.67
N SER D 264 -23.16 40.91 1.77
CA SER D 264 -23.62 42.15 1.18
C SER D 264 -24.37 41.92 -0.11
N ARG D 265 -23.79 41.12 -1.00
CA ARG D 265 -24.39 40.85 -2.30
C ARG D 265 -25.61 39.95 -2.20
N VAL D 266 -25.48 38.86 -1.44
CA VAL D 266 -26.62 37.97 -1.20
C VAL D 266 -27.70 38.72 -0.43
N GLY D 267 -27.26 39.56 0.51
CA GLY D 267 -28.17 40.37 1.29
C GLY D 267 -29.02 41.29 0.42
N GLU D 268 -28.38 41.93 -0.56
CA GLU D 268 -29.09 42.81 -1.49
C GLU D 268 -30.02 42.01 -2.40
N PHE D 269 -29.54 40.86 -2.86
CA PHE D 269 -30.33 39.99 -3.73
C PHE D 269 -31.62 39.56 -3.04
N LEU D 270 -31.53 39.23 -1.75
CA LEU D 270 -32.69 38.80 -0.99
C LEU D 270 -33.68 39.96 -0.81
N LYS D 271 -33.22 41.04 -0.20
CA LYS D 271 -34.07 42.20 0.06
C LYS D 271 -34.71 42.76 -1.22
N ARG D 272 -34.11 42.43 -2.36
CA ARG D 272 -34.67 42.83 -3.64
C ARG D 272 -35.86 41.97 -4.01
N TRP D 273 -35.79 40.68 -3.69
CA TRP D 273 -36.82 39.73 -4.08
C TRP D 273 -37.58 39.14 -2.89
N MET D 274 -37.44 39.75 -1.72
CA MET D 274 -38.21 39.35 -0.55
C MET D 274 -39.00 40.54 0.00
N GLY D 275 -38.53 41.74 -0.32
CA GLY D 275 -39.20 42.96 0.08
C GLY D 275 -38.45 43.72 1.16
#